data_8I7H
#
_entry.id   8I7H
#
_cell.length_a   213.300
_cell.length_b   213.300
_cell.length_c   245.840
_cell.angle_alpha   90.00
_cell.angle_beta   90.00
_cell.angle_gamma   120.00
#
_symmetry.space_group_name_H-M   'H 3 2'
#
loop_
_entity.id
_entity.type
_entity.pdbx_description
1 polymer 'Meso-diaminopimelate D-dehydrogenase'
2 non-polymer '2,6-DIAMINOPIMELIC ACID'
3 non-polymer 'SULFATE ION'
4 water water
#
_entity_poly.entity_id   1
_entity_poly.type   'polypeptide(L)'
_entity_poly.pdbx_seq_one_letter_code
;MNTKIKVAIVGYGNIGRFALEAVQAAQDFELVGVVRRDINNVPEELQNITVTNDIKTLGDVDVALLCSPTRAIKELAKSI
LSLGINTVDSFDVHSEIVSLKTELDDVAKKHDRVAVISAGWDPGSDSIVRTLMLAMAPKGITYTNFGPGMSMGHSVAAKA
IEGVKDALSMTIPLGTGVHRRMVYVELEAGANFNQVEQAIKADSYFSSDETHVKQVDSVDSLKDVGHGVHMTHKGVSGKT
HNQLFEYSMRINNPALTSQFMVSAARASMKQRAGAYTVIEIPPVDFLAGDLNTLIAKLV
;
_entity_poly.pdbx_strand_id   A,B,C,D
#
loop_
_chem_comp.id
_chem_comp.type
_chem_comp.name
_chem_comp.formula
SO4 non-polymer 'SULFATE ION' 'O4 S -2'
#
# COMPACT_ATOMS: atom_id res chain seq x y z
N THR A 3 -5.49 23.06 1.18
CA THR A 3 -4.10 22.78 1.66
C THR A 3 -3.86 21.25 1.69
N LYS A 4 -4.61 20.49 0.87
CA LYS A 4 -4.48 19.03 0.69
C LYS A 4 -3.50 18.75 -0.45
N ILE A 5 -2.56 17.81 -0.29
CA ILE A 5 -1.62 17.42 -1.38
C ILE A 5 -2.36 16.47 -2.34
N LYS A 6 -2.46 16.85 -3.62
CA LYS A 6 -3.31 16.17 -4.63
C LYS A 6 -2.46 15.17 -5.41
N VAL A 7 -2.77 13.88 -5.24
CA VAL A 7 -1.87 12.77 -5.68
C VAL A 7 -2.63 11.83 -6.65
N ALA A 8 -1.94 11.42 -7.71
CA ALA A 8 -2.36 10.41 -8.69
C ALA A 8 -1.44 9.19 -8.54
N ILE A 9 -2.00 8.00 -8.54
CA ILE A 9 -1.23 6.72 -8.57
C ILE A 9 -1.13 6.26 -10.04
N VAL A 10 0.08 6.25 -10.62
CA VAL A 10 0.33 5.90 -12.04
C VAL A 10 0.98 4.52 -12.09
N GLY A 11 0.34 3.57 -12.77
CA GLY A 11 0.60 2.12 -12.64
C GLY A 11 -0.07 1.58 -11.39
N TYR A 12 -0.49 0.31 -11.41
CA TYR A 12 -1.20 -0.33 -10.26
C TYR A 12 -0.77 -1.80 -10.16
N GLY A 13 0.54 -2.02 -9.99
CA GLY A 13 1.12 -3.35 -9.77
C GLY A 13 0.93 -3.80 -8.32
N ASN A 14 1.98 -4.41 -7.75
CA ASN A 14 1.93 -5.01 -6.40
C ASN A 14 1.78 -3.87 -5.39
N ILE A 15 2.62 -2.85 -5.51
CA ILE A 15 2.65 -1.70 -4.55
C ILE A 15 1.47 -0.77 -4.84
N GLY A 16 0.88 -0.85 -6.04
CA GLY A 16 -0.29 -0.03 -6.42
C GLY A 16 -1.37 -0.03 -5.35
N ARG A 17 -1.86 -1.21 -4.97
CA ARG A 17 -2.98 -1.33 -4.00
C ARG A 17 -2.56 -0.69 -2.68
N PHE A 18 -1.30 -0.87 -2.28
CA PHE A 18 -0.78 -0.45 -0.96
C PHE A 18 -0.61 1.07 -0.94
N ALA A 19 -0.13 1.66 -2.04
CA ALA A 19 -0.06 3.13 -2.28
C ALA A 19 -1.45 3.75 -2.11
N LEU A 20 -2.49 3.08 -2.62
CA LEU A 20 -3.90 3.50 -2.46
C LEU A 20 -4.22 3.65 -0.97
N GLU A 21 -3.84 2.63 -0.19
CA GLU A 21 -4.12 2.58 1.27
C GLU A 21 -3.35 3.69 1.97
N ALA A 22 -2.09 3.91 1.59
CA ALA A 22 -1.14 4.85 2.25
C ALA A 22 -1.61 6.28 2.04
N VAL A 23 -2.09 6.57 0.83
CA VAL A 23 -2.65 7.90 0.44
C VAL A 23 -3.93 8.12 1.24
N GLN A 24 -4.88 7.20 1.11
CA GLN A 24 -6.18 7.29 1.82
C GLN A 24 -5.95 7.52 3.32
N ALA A 25 -4.93 6.88 3.91
CA ALA A 25 -4.67 6.89 5.37
C ALA A 25 -4.08 8.24 5.82
N ALA A 26 -3.49 9.02 4.91
CA ALA A 26 -2.83 10.33 5.17
C ALA A 26 -3.84 11.47 5.05
N GLN A 27 -4.26 12.04 6.19
CA GLN A 27 -5.23 13.17 6.25
C GLN A 27 -4.77 14.33 5.38
N ASP A 28 -3.46 14.48 5.13
CA ASP A 28 -2.93 15.68 4.44
C ASP A 28 -2.91 15.46 2.93
N PHE A 29 -3.36 14.29 2.44
CA PHE A 29 -3.41 13.93 1.00
C PHE A 29 -4.86 13.78 0.54
N GLU A 30 -5.10 13.97 -0.77
CA GLU A 30 -6.40 13.71 -1.44
C GLU A 30 -6.10 12.90 -2.70
N LEU A 31 -6.66 11.70 -2.81
CA LEU A 31 -6.45 10.84 -4.01
C LEU A 31 -7.31 11.35 -5.17
N VAL A 32 -6.70 11.90 -6.22
CA VAL A 32 -7.47 12.56 -7.30
C VAL A 32 -7.69 11.50 -8.42
N GLY A 33 -6.98 10.36 -8.40
CA GLY A 33 -7.38 9.15 -9.16
C GLY A 33 -6.25 8.17 -9.46
N VAL A 34 -6.54 7.09 -10.19
CA VAL A 34 -5.55 6.02 -10.57
C VAL A 34 -5.45 5.95 -12.11
N VAL A 35 -4.22 6.00 -12.63
CA VAL A 35 -3.87 5.88 -14.07
C VAL A 35 -3.37 4.46 -14.32
N ARG A 36 -3.76 3.83 -15.44
CA ARG A 36 -3.26 2.48 -15.81
C ARG A 36 -3.62 2.14 -17.26
N ARG A 37 -2.95 1.14 -17.83
CA ARG A 37 -3.12 0.66 -19.24
C ARG A 37 -4.51 0.04 -19.38
N ASP A 38 -4.88 -0.93 -18.53
CA ASP A 38 -6.20 -1.64 -18.60
C ASP A 38 -7.16 -1.04 -17.56
N ILE A 39 -8.08 -0.18 -18.00
CA ILE A 39 -9.02 0.58 -17.12
C ILE A 39 -10.22 -0.30 -16.77
N ASN A 40 -10.34 -1.50 -17.34
CA ASN A 40 -11.53 -2.39 -17.18
C ASN A 40 -11.27 -3.40 -16.06
N ASN A 41 -9.99 -3.77 -15.86
CA ASN A 41 -9.51 -4.40 -14.61
C ASN A 41 -9.72 -3.40 -13.47
N VAL A 42 -10.80 -3.56 -12.69
CA VAL A 42 -11.17 -2.64 -11.58
C VAL A 42 -11.44 -3.50 -10.34
N PRO A 43 -10.40 -3.87 -9.57
CA PRO A 43 -10.58 -4.68 -8.37
C PRO A 43 -11.37 -3.96 -7.28
N GLU A 44 -11.71 -4.70 -6.21
CA GLU A 44 -12.61 -4.31 -5.09
C GLU A 44 -12.46 -2.82 -4.78
N GLU A 45 -11.23 -2.40 -4.48
CA GLU A 45 -10.88 -1.11 -3.80
C GLU A 45 -10.98 0.08 -4.78
N LEU A 46 -11.08 -0.17 -6.09
CA LEU A 46 -11.15 0.88 -7.15
C LEU A 46 -12.59 0.97 -7.70
N GLN A 47 -13.57 0.35 -7.05
CA GLN A 47 -15.01 0.49 -7.41
C GLN A 47 -15.39 1.98 -7.48
N ASN A 48 -14.86 2.81 -6.57
CA ASN A 48 -15.36 4.20 -6.36
C ASN A 48 -14.28 5.22 -6.70
N ILE A 49 -13.16 4.78 -7.27
CA ILE A 49 -12.00 5.66 -7.61
C ILE A 49 -12.04 5.92 -9.12
N THR A 50 -11.84 7.17 -9.55
CA THR A 50 -11.63 7.50 -10.99
C THR A 50 -10.43 6.68 -11.49
N VAL A 51 -10.62 5.91 -12.56
CA VAL A 51 -9.55 5.09 -13.19
C VAL A 51 -9.51 5.48 -14.66
N THR A 52 -8.46 6.18 -15.07
CA THR A 52 -8.27 6.73 -16.43
C THR A 52 -7.01 6.10 -16.99
N ASN A 53 -6.79 6.22 -18.30
CA ASN A 53 -5.53 5.80 -18.97
C ASN A 53 -4.73 7.05 -19.35
N ASP A 54 -5.10 8.21 -18.79
CA ASP A 54 -4.53 9.54 -19.16
C ASP A 54 -4.66 10.49 -17.97
N ILE A 55 -3.53 10.92 -17.40
CA ILE A 55 -3.49 11.66 -16.11
C ILE A 55 -4.19 13.01 -16.26
N LYS A 56 -4.22 13.56 -17.47
CA LYS A 56 -4.80 14.90 -17.76
C LYS A 56 -6.30 14.92 -17.42
N THR A 57 -7.00 13.78 -17.46
CA THR A 57 -8.47 13.69 -17.19
C THR A 57 -8.76 13.94 -15.70
N LEU A 58 -7.75 13.87 -14.82
CA LEU A 58 -7.93 14.00 -13.35
C LEU A 58 -7.94 15.47 -12.90
N GLY A 59 -7.71 16.44 -13.80
CA GLY A 59 -7.58 17.86 -13.42
C GLY A 59 -6.29 18.12 -12.65
N ASP A 60 -6.33 18.94 -11.60
CA ASP A 60 -5.11 19.41 -10.89
C ASP A 60 -4.54 18.30 -10.01
N VAL A 61 -3.25 18.00 -10.24
CA VAL A 61 -2.45 16.96 -9.54
C VAL A 61 -1.11 17.58 -9.13
N ASP A 62 -0.82 17.63 -7.82
CA ASP A 62 0.47 18.13 -7.28
C ASP A 62 1.57 17.11 -7.57
N VAL A 63 1.31 15.82 -7.33
CA VAL A 63 2.38 14.78 -7.40
C VAL A 63 1.80 13.43 -7.85
N ALA A 64 2.63 12.63 -8.53
CA ALA A 64 2.32 11.29 -9.05
C ALA A 64 3.21 10.22 -8.39
N LEU A 65 2.58 9.19 -7.81
CA LEU A 65 3.29 8.00 -7.30
C LEU A 65 3.42 7.02 -8.46
N LEU A 66 4.62 6.89 -9.04
CA LEU A 66 4.91 5.95 -10.15
C LEU A 66 5.04 4.54 -9.57
N CYS A 67 4.03 3.69 -9.82
CA CYS A 67 4.00 2.27 -9.40
C CYS A 67 4.04 1.37 -10.63
N SER A 68 4.80 1.76 -11.65
CA SER A 68 4.99 1.03 -12.92
C SER A 68 6.17 0.09 -12.78
N PRO A 69 6.40 -0.81 -13.76
CA PRO A 69 7.61 -1.62 -13.78
C PRO A 69 8.87 -0.76 -13.79
N THR A 70 10.01 -1.32 -13.36
CA THR A 70 11.34 -0.68 -13.29
C THR A 70 11.67 -0.06 -14.66
N ARG A 71 11.53 -0.84 -15.75
CA ARG A 71 11.92 -0.46 -17.14
C ARG A 71 11.14 0.77 -17.63
N ALA A 72 9.97 1.08 -17.07
CA ALA A 72 9.07 2.16 -17.54
C ALA A 72 9.34 3.50 -16.82
N ILE A 73 9.97 3.49 -15.64
CA ILE A 73 9.97 4.63 -14.67
C ILE A 73 10.58 5.87 -15.33
N LYS A 74 11.70 5.73 -16.05
CA LYS A 74 12.47 6.89 -16.58
C LYS A 74 11.56 7.71 -17.50
N GLU A 75 11.04 7.08 -18.56
CA GLU A 75 10.28 7.77 -19.66
C GLU A 75 8.97 8.33 -19.08
N LEU A 76 8.41 7.61 -18.12
CA LEU A 76 7.11 7.91 -17.45
C LEU A 76 7.26 9.14 -16.56
N ALA A 77 8.35 9.24 -15.81
CA ALA A 77 8.67 10.40 -14.94
C ALA A 77 8.91 11.64 -15.80
N LYS A 78 9.73 11.52 -16.85
CA LYS A 78 10.02 12.62 -17.82
C LYS A 78 8.69 13.25 -18.29
N SER A 79 7.72 12.43 -18.71
CA SER A 79 6.45 12.90 -19.31
C SER A 79 5.53 13.54 -18.26
N ILE A 80 5.52 13.04 -17.03
CA ILE A 80 4.63 13.58 -15.95
C ILE A 80 5.23 14.88 -15.37
N LEU A 81 6.55 14.94 -15.21
CA LEU A 81 7.28 16.19 -14.85
C LEU A 81 6.93 17.26 -15.87
N SER A 82 6.88 16.86 -17.15
CA SER A 82 6.65 17.73 -18.33
C SER A 82 5.23 18.31 -18.33
N LEU A 83 4.28 17.67 -17.63
CA LEU A 83 2.92 18.22 -17.42
C LEU A 83 2.90 19.13 -16.18
N GLY A 84 4.04 19.41 -15.55
CA GLY A 84 4.13 20.25 -14.34
C GLY A 84 3.60 19.55 -13.10
N ILE A 85 3.87 18.25 -12.98
CA ILE A 85 3.51 17.40 -11.82
C ILE A 85 4.81 16.82 -11.23
N ASN A 86 4.87 16.67 -9.92
CA ASN A 86 6.01 16.04 -9.20
C ASN A 86 5.94 14.52 -9.37
N THR A 87 7.09 13.83 -9.34
CA THR A 87 7.16 12.35 -9.37
C THR A 87 7.82 11.84 -8.10
N VAL A 88 7.28 10.75 -7.55
CA VAL A 88 7.99 9.88 -6.58
C VAL A 88 8.00 8.47 -7.16
N ASP A 89 9.14 7.77 -7.08
CA ASP A 89 9.27 6.37 -7.56
C ASP A 89 10.12 5.57 -6.57
N SER A 90 10.05 4.25 -6.64
CA SER A 90 10.88 3.31 -5.83
C SER A 90 11.88 2.62 -6.75
N PHE A 91 12.31 3.30 -7.84
CA PHE A 91 13.29 2.80 -8.83
C PHE A 91 14.40 2.04 -8.10
N ASP A 92 14.52 0.72 -8.35
CA ASP A 92 15.22 -0.21 -7.42
C ASP A 92 16.59 -0.68 -7.96
N VAL A 93 17.15 -0.05 -9.00
CA VAL A 93 18.45 -0.51 -9.60
C VAL A 93 19.55 0.47 -9.17
N HIS A 94 20.30 0.09 -8.12
CA HIS A 94 21.29 0.94 -7.42
C HIS A 94 22.30 1.48 -8.45
N SER A 95 22.91 0.62 -9.26
CA SER A 95 23.96 0.99 -10.26
C SER A 95 23.50 2.13 -11.17
N GLU A 96 22.18 2.36 -11.34
CA GLU A 96 21.62 3.32 -12.33
C GLU A 96 20.97 4.53 -11.65
N ILE A 97 21.07 4.67 -10.32
CA ILE A 97 20.37 5.76 -9.57
C ILE A 97 21.00 7.10 -9.93
N VAL A 98 22.35 7.17 -9.93
CA VAL A 98 23.10 8.42 -10.25
C VAL A 98 22.65 8.94 -11.62
N SER A 99 22.58 8.03 -12.60
CA SER A 99 22.19 8.29 -14.01
C SER A 99 20.73 8.77 -14.09
N LEU A 100 19.83 8.12 -13.35
CA LEU A 100 18.39 8.47 -13.39
C LEU A 100 18.19 9.86 -12.79
N LYS A 101 18.94 10.18 -11.74
CA LYS A 101 18.78 11.46 -11.00
C LYS A 101 18.99 12.63 -11.96
N THR A 102 20.02 12.54 -12.79
CA THR A 102 20.51 13.67 -13.62
C THR A 102 19.69 13.77 -14.91
N GLU A 103 19.14 12.66 -15.40
CA GLU A 103 18.18 12.64 -16.52
C GLU A 103 16.88 13.34 -16.07
N LEU A 104 16.43 13.10 -14.83
CA LEU A 104 15.17 13.69 -14.29
C LEU A 104 15.42 15.12 -13.79
N ASP A 105 16.63 15.45 -13.37
CA ASP A 105 16.99 16.81 -12.86
C ASP A 105 16.78 17.83 -13.99
N ASP A 106 17.38 17.57 -15.16
CA ASP A 106 17.25 18.36 -16.42
C ASP A 106 15.78 18.77 -16.60
N VAL A 107 14.90 17.76 -16.68
CA VAL A 107 13.44 17.88 -16.98
C VAL A 107 12.73 18.57 -15.80
N ALA A 108 13.01 18.14 -14.56
CA ALA A 108 12.35 18.66 -13.34
C ALA A 108 12.59 20.17 -13.26
N LYS A 109 13.83 20.60 -13.52
CA LYS A 109 14.25 22.02 -13.46
C LYS A 109 13.57 22.81 -14.58
N LYS A 110 13.53 22.28 -15.80
CA LYS A 110 12.91 22.96 -16.96
C LYS A 110 11.46 23.34 -16.61
N HIS A 111 10.68 22.44 -16.00
CA HIS A 111 9.22 22.62 -15.74
C HIS A 111 8.96 23.06 -14.30
N ASP A 112 10.01 23.38 -13.55
CA ASP A 112 9.96 23.94 -12.17
C ASP A 112 9.23 22.97 -11.22
N ARG A 113 9.57 21.68 -11.27
CA ARG A 113 8.95 20.61 -10.43
C ARG A 113 10.03 19.81 -9.71
N VAL A 114 9.61 18.86 -8.89
CA VAL A 114 10.51 18.00 -8.06
C VAL A 114 10.26 16.53 -8.41
N ALA A 115 11.35 15.79 -8.56
CA ALA A 115 11.37 14.32 -8.66
C ALA A 115 12.13 13.76 -7.45
N VAL A 116 11.46 12.98 -6.61
CA VAL A 116 12.14 12.14 -5.58
C VAL A 116 12.21 10.72 -6.15
N ILE A 117 13.41 10.14 -6.22
CA ILE A 117 13.68 8.84 -6.89
C ILE A 117 14.18 7.83 -5.86
N SER A 118 13.97 6.55 -6.15
CA SER A 118 14.49 5.43 -5.35
C SER A 118 14.07 5.62 -3.87
N ALA A 119 12.76 5.82 -3.66
CA ALA A 119 12.15 6.12 -2.35
C ALA A 119 11.26 4.96 -1.91
N GLY A 120 11.80 3.74 -1.95
CA GLY A 120 11.24 2.55 -1.28
C GLY A 120 11.87 2.36 0.09
N TRP A 121 12.23 1.14 0.47
CA TRP A 121 13.02 0.86 1.71
C TRP A 121 14.47 0.48 1.39
N ASP A 122 14.77 -0.04 0.19
CA ASP A 122 16.17 -0.27 -0.25
C ASP A 122 16.22 -0.46 -1.77
N PRO A 123 16.46 0.61 -2.56
CA PRO A 123 16.83 1.92 -2.03
C PRO A 123 15.67 2.74 -1.43
N GLY A 124 15.99 3.61 -0.46
CA GLY A 124 15.03 4.42 0.32
C GLY A 124 15.46 4.54 1.78
N SER A 125 14.57 4.16 2.72
CA SER A 125 14.82 4.11 4.19
C SER A 125 16.27 3.71 4.46
N ASP A 126 16.61 2.49 4.06
CA ASP A 126 17.91 1.86 4.40
C ASP A 126 19.03 2.83 3.98
N SER A 127 18.86 3.51 2.84
CA SER A 127 19.84 4.47 2.28
C SER A 127 20.20 5.54 3.34
N ILE A 128 19.18 6.10 3.99
CA ILE A 128 19.36 7.13 5.06
C ILE A 128 20.12 6.52 6.25
N VAL A 129 19.73 5.31 6.70
CA VAL A 129 20.40 4.62 7.85
C VAL A 129 21.86 4.34 7.47
N ARG A 130 22.14 3.95 6.23
CA ARG A 130 23.54 3.68 5.77
C ARG A 130 24.34 4.99 5.84
N THR A 131 23.69 6.10 5.51
CA THR A 131 24.31 7.45 5.46
C THR A 131 24.58 7.93 6.89
N LEU A 132 23.63 7.70 7.78
CA LEU A 132 23.77 8.05 9.22
C LEU A 132 24.95 7.28 9.80
N MET A 133 25.16 6.06 9.35
CA MET A 133 26.21 5.19 9.94
C MET A 133 27.61 5.78 9.65
N LEU A 134 27.78 6.43 8.50
CA LEU A 134 29.07 7.07 8.13
C LEU A 134 29.17 8.44 8.83
N ALA A 135 28.04 9.09 9.12
CA ALA A 135 28.02 10.36 9.88
C ALA A 135 28.48 10.11 11.31
N MET A 136 28.20 8.93 11.85
CA MET A 136 28.51 8.52 13.24
C MET A 136 29.90 7.87 13.34
N ALA A 137 30.38 7.25 12.26
CA ALA A 137 31.61 6.43 12.24
C ALA A 137 32.08 6.27 10.80
N PRO A 138 32.74 7.30 10.21
CA PRO A 138 33.07 7.32 8.79
C PRO A 138 33.93 6.13 8.32
N LYS A 139 34.88 5.70 9.12
CA LYS A 139 35.73 4.52 8.79
C LYS A 139 35.09 3.26 9.37
N GLY A 140 35.29 2.13 8.69
CA GLY A 140 34.74 0.81 9.04
C GLY A 140 33.89 0.24 7.92
N ILE A 141 33.20 -0.87 8.18
CA ILE A 141 32.43 -1.65 7.17
C ILE A 141 30.93 -1.62 7.54
N THR A 142 30.06 -1.41 6.53
CA THR A 142 28.59 -1.57 6.62
C THR A 142 28.18 -2.80 5.81
N TYR A 143 27.28 -3.64 6.31
CA TYR A 143 26.67 -4.79 5.57
C TYR A 143 25.15 -4.65 5.64
N THR A 144 24.47 -5.00 4.55
CA THR A 144 22.99 -4.95 4.44
C THR A 144 22.49 -6.36 4.10
N ASN A 145 21.79 -6.99 5.05
CA ASN A 145 21.35 -8.40 4.97
C ASN A 145 19.83 -8.46 4.75
N PHE A 146 19.41 -9.07 3.64
CA PHE A 146 18.00 -9.03 3.18
C PHE A 146 17.29 -10.36 3.45
N GLY A 147 16.03 -10.25 3.90
CA GLY A 147 15.08 -11.38 4.05
C GLY A 147 14.94 -11.83 5.49
N PRO A 148 14.30 -12.99 5.75
CA PRO A 148 13.76 -13.83 4.68
C PRO A 148 12.59 -13.14 3.97
N GLY A 149 12.56 -13.22 2.63
CA GLY A 149 11.54 -12.57 1.79
C GLY A 149 11.53 -13.13 0.37
N MET A 150 10.44 -12.91 -0.36
CA MET A 150 10.29 -13.33 -1.77
C MET A 150 11.21 -12.47 -2.63
N SER A 151 11.76 -13.02 -3.70
CA SER A 151 12.61 -12.34 -4.71
C SER A 151 11.96 -12.45 -6.10
N MET A 152 11.26 -11.40 -6.54
CA MET A 152 10.52 -11.36 -7.84
C MET A 152 11.50 -11.61 -9.00
N GLY A 153 12.65 -10.93 -9.01
CA GLY A 153 13.69 -11.09 -10.04
C GLY A 153 14.11 -12.55 -10.21
N HIS A 154 14.51 -13.21 -9.12
CA HIS A 154 15.01 -14.60 -9.09
C HIS A 154 13.86 -15.60 -9.32
N SER A 155 12.65 -15.29 -8.84
CA SER A 155 11.42 -16.07 -9.13
C SER A 155 11.25 -16.17 -10.66
N VAL A 156 11.33 -15.02 -11.35
CA VAL A 156 11.15 -14.90 -12.83
C VAL A 156 12.23 -15.73 -13.55
N ALA A 157 13.49 -15.60 -13.13
CA ALA A 157 14.66 -16.31 -13.71
C ALA A 157 14.46 -17.83 -13.58
N ALA A 158 13.83 -18.30 -12.50
CA ALA A 158 13.55 -19.73 -12.26
C ALA A 158 12.39 -20.17 -13.15
N LYS A 159 11.34 -19.34 -13.23
CA LYS A 159 10.06 -19.61 -13.96
C LYS A 159 10.37 -19.74 -15.46
N ALA A 160 11.46 -19.10 -15.91
CA ALA A 160 11.88 -18.99 -17.32
C ALA A 160 12.80 -20.16 -17.75
N ILE A 161 12.87 -21.24 -16.99
CA ILE A 161 13.78 -22.39 -17.30
C ILE A 161 12.94 -23.59 -17.75
N GLU A 162 13.53 -24.47 -18.58
CA GLU A 162 12.87 -25.68 -19.18
C GLU A 162 12.26 -26.56 -18.08
N GLY A 163 10.97 -26.86 -18.20
CA GLY A 163 10.26 -27.85 -17.37
C GLY A 163 9.54 -27.23 -16.19
N VAL A 164 9.78 -25.94 -15.93
CA VAL A 164 9.26 -25.19 -14.74
C VAL A 164 7.91 -24.57 -15.09
N LYS A 165 6.81 -25.08 -14.50
CA LYS A 165 5.45 -24.48 -14.63
C LYS A 165 5.42 -23.15 -13.87
N ASP A 166 5.61 -23.20 -12.54
CA ASP A 166 5.71 -22.02 -11.64
C ASP A 166 6.95 -22.18 -10.75
N ALA A 167 7.42 -21.07 -10.18
CA ALA A 167 8.60 -21.02 -9.29
C ALA A 167 8.48 -19.88 -8.28
N LEU A 168 9.18 -20.01 -7.15
CA LEU A 168 9.30 -18.97 -6.09
C LEU A 168 10.72 -19.06 -5.52
N SER A 169 11.52 -17.99 -5.65
CA SER A 169 12.85 -17.85 -4.98
C SER A 169 12.66 -17.06 -3.69
N MET A 170 13.02 -17.66 -2.55
CA MET A 170 13.18 -16.95 -1.26
C MET A 170 14.64 -16.51 -1.14
N THR A 171 14.86 -15.39 -0.45
CA THR A 171 16.19 -14.79 -0.18
C THR A 171 16.43 -14.86 1.33
N ILE A 172 17.47 -15.58 1.73
CA ILE A 172 17.80 -15.87 3.15
C ILE A 172 19.12 -15.17 3.49
N PRO A 173 19.15 -14.32 4.54
CA PRO A 173 20.39 -13.68 4.95
C PRO A 173 21.31 -14.65 5.69
N LEU A 174 22.59 -14.69 5.32
CA LEU A 174 23.64 -15.48 6.03
C LEU A 174 24.71 -14.53 6.61
N GLY A 175 24.46 -13.22 6.66
CA GLY A 175 25.40 -12.22 7.21
C GLY A 175 26.40 -11.72 6.18
N THR A 176 27.06 -10.59 6.46
CA THR A 176 28.13 -9.96 5.63
C THR A 176 27.69 -9.89 4.16
N GLY A 177 26.41 -9.54 3.94
CA GLY A 177 25.78 -9.37 2.62
C GLY A 177 25.72 -10.65 1.79
N VAL A 178 26.10 -11.80 2.35
CA VAL A 178 25.99 -13.14 1.70
C VAL A 178 24.55 -13.64 1.85
N HIS A 179 24.05 -14.33 0.82
CA HIS A 179 22.63 -14.75 0.68
C HIS A 179 22.58 -16.23 0.26
N ARG A 180 21.63 -16.96 0.84
CA ARG A 180 21.21 -18.31 0.41
C ARG A 180 19.91 -18.14 -0.38
N ARG A 181 19.74 -18.88 -1.49
CA ARG A 181 18.49 -18.83 -2.30
C ARG A 181 17.78 -20.19 -2.19
N MET A 182 16.58 -20.19 -1.61
CA MET A 182 15.68 -21.37 -1.51
C MET A 182 14.62 -21.24 -2.61
N VAL A 183 14.60 -22.18 -3.55
CA VAL A 183 13.73 -22.14 -4.77
C VAL A 183 12.72 -23.28 -4.68
N TYR A 184 11.43 -22.96 -4.84
CA TYR A 184 10.31 -23.94 -4.86
C TYR A 184 9.69 -23.92 -6.25
N VAL A 185 9.52 -25.08 -6.89
CA VAL A 185 9.09 -25.23 -8.31
C VAL A 185 7.95 -26.26 -8.42
N GLU A 186 6.97 -25.94 -9.28
CA GLU A 186 6.08 -26.93 -9.94
C GLU A 186 6.71 -27.28 -11.29
N LEU A 187 6.75 -28.57 -11.64
CA LEU A 187 7.27 -29.06 -12.95
C LEU A 187 6.11 -29.15 -13.95
N GLU A 188 6.42 -29.20 -15.24
CA GLU A 188 5.43 -29.41 -16.33
C GLU A 188 5.31 -30.91 -16.55
N ALA A 189 4.08 -31.41 -16.78
CA ALA A 189 3.78 -32.84 -17.06
C ALA A 189 5.00 -33.42 -17.79
N GLY A 190 5.65 -34.42 -17.18
CA GLY A 190 6.87 -35.09 -17.70
C GLY A 190 8.03 -34.13 -17.89
N ALA A 191 8.67 -33.71 -16.80
CA ALA A 191 9.99 -33.03 -16.78
C ALA A 191 10.87 -33.73 -15.76
N ASN A 192 12.19 -33.70 -15.95
CA ASN A 192 13.18 -34.38 -15.08
C ASN A 192 13.65 -33.40 -13.97
N PHE A 193 13.27 -33.65 -12.72
CA PHE A 193 13.59 -32.76 -11.57
C PHE A 193 15.10 -32.46 -11.57
N ASN A 194 15.95 -33.48 -11.59
CA ASN A 194 17.43 -33.36 -11.44
C ASN A 194 18.00 -32.40 -12.48
N GLN A 195 17.42 -32.36 -13.69
CA GLN A 195 17.87 -31.45 -14.77
C GLN A 195 17.44 -30.02 -14.43
N VAL A 196 16.17 -29.83 -14.05
CA VAL A 196 15.59 -28.52 -13.66
C VAL A 196 16.40 -27.94 -12.48
N GLU A 197 16.64 -28.76 -11.45
CA GLU A 197 17.49 -28.42 -10.28
C GLU A 197 18.86 -27.91 -10.77
N GLN A 198 19.60 -28.75 -11.50
CA GLN A 198 20.95 -28.42 -12.04
C GLN A 198 20.90 -27.15 -12.89
N ALA A 199 19.85 -26.98 -13.68
CA ALA A 199 19.65 -25.86 -14.63
C ALA A 199 19.51 -24.55 -13.85
N ILE A 200 18.70 -24.59 -12.79
CA ILE A 200 18.43 -23.43 -11.90
C ILE A 200 19.74 -23.03 -11.18
N LYS A 201 20.47 -24.01 -10.65
CA LYS A 201 21.74 -23.79 -9.89
C LYS A 201 22.81 -23.20 -10.82
N ALA A 202 22.88 -23.68 -12.06
CA ALA A 202 23.85 -23.27 -13.11
C ALA A 202 23.50 -21.88 -13.67
N ASP A 203 22.21 -21.49 -13.67
CA ASP A 203 21.72 -20.19 -14.22
C ASP A 203 22.54 -19.04 -13.63
N SER A 204 22.72 -17.94 -14.36
CA SER A 204 23.60 -16.81 -13.96
C SER A 204 22.99 -16.02 -12.79
N TYR A 205 21.68 -16.14 -12.56
CA TYR A 205 20.97 -15.45 -11.45
C TYR A 205 21.21 -16.18 -10.12
N PHE A 206 21.75 -17.40 -10.14
CA PHE A 206 21.89 -18.29 -8.95
C PHE A 206 23.31 -18.84 -8.76
N SER A 207 24.16 -18.80 -9.79
CA SER A 207 25.41 -19.60 -9.85
C SER A 207 26.47 -19.05 -8.89
N SER A 208 26.23 -17.87 -8.31
CA SER A 208 27.15 -17.21 -7.34
C SER A 208 26.75 -17.53 -5.89
N ASP A 209 25.56 -18.09 -5.68
CA ASP A 209 24.92 -18.16 -4.35
C ASP A 209 24.66 -19.63 -3.97
N GLU A 210 24.77 -19.95 -2.68
CA GLU A 210 24.26 -21.23 -2.11
C GLU A 210 22.78 -21.33 -2.47
N THR A 211 22.45 -22.21 -3.43
CA THR A 211 21.08 -22.37 -3.99
C THR A 211 20.57 -23.79 -3.73
N HIS A 212 19.33 -23.89 -3.22
CA HIS A 212 18.63 -25.15 -2.89
C HIS A 212 17.30 -25.16 -3.66
N VAL A 213 16.91 -26.31 -4.23
CA VAL A 213 15.67 -26.43 -5.06
C VAL A 213 14.82 -27.59 -4.53
N LYS A 214 13.57 -27.31 -4.19
CA LYS A 214 12.58 -28.31 -3.74
C LYS A 214 11.39 -28.25 -4.69
N GLN A 215 10.86 -29.41 -5.07
CA GLN A 215 9.63 -29.53 -5.87
C GLN A 215 8.42 -29.49 -4.94
N VAL A 216 7.31 -28.87 -5.35
CA VAL A 216 6.08 -28.69 -4.52
C VAL A 216 4.82 -28.73 -5.40
N ASP A 217 3.64 -28.90 -4.79
CA ASP A 217 2.30 -28.98 -5.45
C ASP A 217 1.83 -27.58 -5.88
N SER A 218 1.30 -26.76 -4.94
CA SER A 218 0.90 -25.34 -5.12
C SER A 218 2.08 -24.47 -4.65
N VAL A 219 2.65 -23.65 -5.55
CA VAL A 219 3.72 -22.67 -5.22
C VAL A 219 3.08 -21.43 -4.59
N ASP A 220 1.83 -21.10 -4.96
CA ASP A 220 1.12 -19.88 -4.50
C ASP A 220 0.95 -19.94 -2.99
N SER A 221 0.70 -21.12 -2.42
CA SER A 221 0.43 -21.27 -0.96
C SER A 221 1.69 -21.01 -0.12
N LEU A 222 2.88 -20.93 -0.72
CA LEU A 222 4.14 -20.60 -0.01
C LEU A 222 4.36 -19.07 0.05
N LYS A 223 3.60 -18.28 -0.71
CA LYS A 223 3.85 -16.83 -0.89
C LYS A 223 3.43 -16.04 0.36
N ASP A 224 4.31 -15.14 0.78
CA ASP A 224 4.08 -14.17 1.89
C ASP A 224 4.92 -12.92 1.60
N VAL A 225 4.31 -11.73 1.68
CA VAL A 225 4.94 -10.46 1.20
C VAL A 225 5.75 -9.87 2.35
N GLY A 226 5.82 -10.59 3.47
CA GLY A 226 6.72 -10.26 4.59
C GLY A 226 8.15 -10.22 4.09
N HIS A 227 8.95 -9.30 4.63
CA HIS A 227 10.38 -9.18 4.29
C HIS A 227 11.12 -8.66 5.53
N GLY A 228 12.39 -8.30 5.37
CA GLY A 228 13.25 -7.88 6.49
C GLY A 228 14.64 -7.45 6.03
N VAL A 229 15.28 -6.63 6.85
CA VAL A 229 16.71 -6.27 6.68
C VAL A 229 17.34 -6.30 8.07
N HIS A 230 18.61 -6.69 8.13
CA HIS A 230 19.50 -6.50 9.28
C HIS A 230 20.75 -5.82 8.75
N MET A 231 20.91 -4.51 8.99
CA MET A 231 22.14 -3.72 8.67
C MET A 231 23.05 -3.67 9.91
N THR A 232 24.37 -3.70 9.68
CA THR A 232 25.42 -3.56 10.72
C THR A 232 26.48 -2.59 10.24
N HIS A 233 27.03 -1.80 11.17
CA HIS A 233 28.25 -0.99 10.93
C HIS A 233 29.19 -1.18 12.13
N LYS A 234 30.42 -1.60 11.87
CA LYS A 234 31.51 -1.70 12.87
C LYS A 234 32.59 -0.71 12.40
N GLY A 235 33.03 0.21 13.24
CA GLY A 235 33.92 1.28 12.76
C GLY A 235 34.32 2.30 13.80
N VAL A 236 34.81 3.44 13.31
CA VAL A 236 35.66 4.39 14.08
C VAL A 236 34.95 5.74 14.13
N SER A 237 34.65 6.22 15.34
CA SER A 237 34.24 7.62 15.62
C SER A 237 35.49 8.40 16.02
N GLY A 238 35.96 9.30 15.13
CA GLY A 238 37.23 10.01 15.27
C GLY A 238 38.41 9.04 15.24
N LYS A 239 38.95 8.70 16.40
CA LYS A 239 40.09 7.75 16.51
C LYS A 239 39.71 6.55 17.38
N THR A 240 38.43 6.45 17.80
CA THR A 240 37.92 5.41 18.72
C THR A 240 37.27 4.28 17.90
N HIS A 241 37.84 3.07 17.99
CA HIS A 241 37.42 1.88 17.20
C HIS A 241 36.38 1.03 17.96
N ASN A 242 35.81 0.06 17.22
CA ASN A 242 34.85 -0.97 17.70
C ASN A 242 33.56 -0.29 18.15
N GLN A 243 33.14 0.75 17.43
CA GLN A 243 31.79 1.36 17.56
C GLN A 243 30.82 0.46 16.78
N LEU A 244 29.79 -0.05 17.45
CA LEU A 244 28.87 -1.09 16.91
C LEU A 244 27.48 -0.48 16.75
N PHE A 245 26.96 -0.51 15.51
CA PHE A 245 25.61 -0.03 15.13
C PHE A 245 24.89 -1.15 14.38
N GLU A 246 23.58 -1.20 14.54
CA GLU A 246 22.74 -2.31 14.06
C GLU A 246 21.31 -1.76 13.90
N TYR A 247 20.63 -2.16 12.82
CA TYR A 247 19.23 -1.77 12.51
C TYR A 247 18.54 -2.98 11.88
N SER A 248 17.35 -3.33 12.36
CA SER A 248 16.56 -4.50 11.90
C SER A 248 15.11 -4.08 11.72
N MET A 249 14.43 -4.69 10.77
CA MET A 249 12.96 -4.60 10.67
C MET A 249 12.40 -5.90 10.10
N ARG A 250 11.22 -6.26 10.58
CA ARG A 250 10.35 -7.35 10.07
C ARG A 250 9.06 -6.66 9.63
N ILE A 251 8.80 -6.61 8.33
CA ILE A 251 7.84 -5.64 7.72
C ILE A 251 7.10 -6.31 6.57
N ASN A 252 5.96 -5.74 6.23
CA ASN A 252 5.24 -6.04 4.96
C ASN A 252 5.91 -5.23 3.86
N ASN A 253 6.46 -5.91 2.84
CA ASN A 253 7.30 -5.28 1.78
C ASN A 253 6.54 -4.14 1.09
N PRO A 254 5.50 -4.43 0.27
CA PRO A 254 4.80 -3.36 -0.46
C PRO A 254 4.14 -2.30 0.45
N ALA A 255 3.67 -2.69 1.63
CA ALA A 255 3.08 -1.77 2.65
C ALA A 255 4.07 -0.64 2.92
N LEU A 256 5.34 -1.00 3.16
CA LEU A 256 6.42 -0.06 3.55
C LEU A 256 6.84 0.74 2.32
N THR A 257 7.19 0.05 1.22
CA THR A 257 7.60 0.71 -0.04
C THR A 257 6.63 1.86 -0.36
N SER A 258 5.32 1.57 -0.37
CA SER A 258 4.24 2.51 -0.73
C SER A 258 4.17 3.66 0.28
N GLN A 259 4.26 3.35 1.58
CA GLN A 259 4.10 4.36 2.66
C GLN A 259 5.27 5.36 2.58
N PHE A 260 6.47 4.89 2.24
CA PHE A 260 7.67 5.78 2.19
C PHE A 260 7.58 6.67 0.93
N MET A 261 6.97 6.15 -0.14
CA MET A 261 6.71 6.93 -1.38
C MET A 261 5.75 8.09 -1.04
N VAL A 262 4.71 7.82 -0.25
CA VAL A 262 3.74 8.85 0.19
C VAL A 262 4.47 9.90 1.04
N SER A 263 5.40 9.48 1.91
CA SER A 263 6.25 10.39 2.74
C SER A 263 7.12 11.23 1.82
N ALA A 264 7.73 10.61 0.80
CA ALA A 264 8.60 11.30 -0.19
C ALA A 264 7.78 12.34 -0.94
N ALA A 265 6.56 12.00 -1.33
CA ALA A 265 5.62 12.89 -2.05
C ALA A 265 5.38 14.14 -1.19
N ARG A 266 5.03 13.94 0.08
CA ARG A 266 4.85 15.05 1.05
C ARG A 266 6.09 15.97 1.00
N ALA A 267 7.27 15.36 1.10
CA ALA A 267 8.58 16.06 1.11
C ALA A 267 8.81 16.79 -0.24
N SER A 268 8.43 16.17 -1.37
CA SER A 268 8.65 16.71 -2.73
C SER A 268 8.09 18.14 -2.84
N MET A 269 7.02 18.45 -2.10
CA MET A 269 6.30 19.75 -2.15
C MET A 269 7.15 20.87 -1.54
N LYS A 270 8.25 20.56 -0.84
CA LYS A 270 9.03 21.55 -0.05
C LYS A 270 10.43 21.78 -0.63
N GLN A 271 10.86 21.06 -1.67
CA GLN A 271 12.25 21.16 -2.21
C GLN A 271 12.30 22.13 -3.39
N ARG A 272 13.47 22.73 -3.64
CA ARG A 272 13.74 23.55 -4.85
C ARG A 272 13.67 22.61 -6.05
N ALA A 273 13.34 23.12 -7.23
CA ALA A 273 13.13 22.29 -8.43
C ALA A 273 14.38 21.44 -8.69
N GLY A 274 14.18 20.17 -9.08
CA GLY A 274 15.26 19.22 -9.40
C GLY A 274 14.91 17.81 -8.99
N ALA A 275 15.82 16.87 -9.23
CA ALA A 275 15.70 15.44 -8.85
C ALA A 275 16.55 15.18 -7.60
N TYR A 276 16.06 14.33 -6.70
CA TYR A 276 16.71 13.99 -5.41
C TYR A 276 16.64 12.51 -5.10
N THR A 277 17.71 11.97 -4.56
CA THR A 277 17.69 10.72 -3.74
C THR A 277 17.20 11.13 -2.36
N VAL A 278 16.77 10.17 -1.54
CA VAL A 278 16.13 10.47 -0.22
C VAL A 278 17.20 10.90 0.82
N ILE A 279 18.49 10.72 0.50
CA ILE A 279 19.59 11.15 1.41
C ILE A 279 19.88 12.63 1.18
N GLU A 280 19.18 13.27 0.25
CA GLU A 280 19.36 14.71 -0.09
C GLU A 280 18.16 15.53 0.41
N ILE A 281 17.23 14.89 1.14
CA ILE A 281 16.01 15.55 1.70
C ILE A 281 16.17 15.60 3.21
N PRO A 282 15.88 16.76 3.84
CA PRO A 282 15.72 16.82 5.30
C PRO A 282 14.70 15.81 5.83
N PRO A 283 15.08 14.90 6.75
CA PRO A 283 14.18 13.87 7.25
C PRO A 283 12.78 14.36 7.65
N VAL A 284 12.71 15.54 8.26
CA VAL A 284 11.44 16.06 8.87
C VAL A 284 10.48 16.44 7.73
N ASP A 285 11.00 16.71 6.52
CA ASP A 285 10.19 17.09 5.33
C ASP A 285 9.27 15.92 4.95
N PHE A 286 9.66 14.69 5.28
CA PHE A 286 8.86 13.45 5.03
C PHE A 286 7.60 13.41 5.91
N LEU A 287 7.55 14.15 7.01
CA LEU A 287 6.49 14.01 8.04
C LEU A 287 5.42 15.09 7.84
N ALA A 288 4.20 14.78 8.27
CA ALA A 288 3.06 15.71 8.40
C ALA A 288 3.10 16.32 9.80
N GLY A 289 2.52 17.51 9.99
CA GLY A 289 2.37 18.18 11.30
C GLY A 289 3.14 19.48 11.38
N ASP A 290 3.00 20.19 12.50
CA ASP A 290 3.66 21.50 12.76
C ASP A 290 5.15 21.23 13.06
N LEU A 291 6.05 21.88 12.33
CA LEU A 291 7.52 21.74 12.50
C LEU A 291 7.89 21.74 13.99
N ASN A 292 7.35 22.67 14.77
CA ASN A 292 7.78 22.86 16.19
C ASN A 292 7.29 21.69 17.06
N THR A 293 6.09 21.16 16.81
CA THR A 293 5.55 19.99 17.57
C THR A 293 6.38 18.75 17.25
N LEU A 294 6.79 18.63 15.98
CA LEU A 294 7.58 17.48 15.47
C LEU A 294 8.98 17.50 16.09
N ILE A 295 9.60 18.68 16.15
CA ILE A 295 10.95 18.87 16.77
C ILE A 295 10.83 18.49 18.26
N ALA A 296 9.82 19.01 18.96
CA ALA A 296 9.57 18.78 20.40
C ALA A 296 9.45 17.28 20.64
N LYS A 297 8.83 16.56 19.70
CA LYS A 297 8.46 15.13 19.84
C LYS A 297 9.67 14.24 19.52
N LEU A 298 10.52 14.63 18.58
CA LEU A 298 11.52 13.73 17.96
C LEU A 298 12.95 14.04 18.41
N VAL A 299 13.33 15.31 18.50
CA VAL A 299 14.78 15.67 18.59
C VAL A 299 15.24 15.42 20.02
N THR B 3 40.53 25.20 0.82
CA THR B 3 39.16 24.57 0.80
C THR B 3 39.03 23.60 1.98
N LYS B 4 39.85 23.76 3.04
CA LYS B 4 39.85 22.97 4.28
C LYS B 4 38.96 23.66 5.31
N ILE B 5 38.11 22.94 6.05
CA ILE B 5 37.15 23.55 7.02
C ILE B 5 37.92 23.88 8.32
N LYS B 6 37.93 25.16 8.71
CA LYS B 6 38.78 25.68 9.82
C LYS B 6 37.96 25.72 11.10
N VAL B 7 38.34 24.90 12.08
CA VAL B 7 37.49 24.59 13.27
C VAL B 7 38.23 24.91 14.56
N ALA B 8 37.53 25.53 15.49
CA ALA B 8 37.95 25.82 16.88
C ALA B 8 37.10 24.97 17.81
N ILE B 9 37.71 24.35 18.83
CA ILE B 9 36.99 23.62 19.91
C ILE B 9 36.84 24.58 21.09
N VAL B 10 35.61 24.98 21.43
CA VAL B 10 35.30 25.95 22.53
C VAL B 10 34.73 25.17 23.72
N GLY B 11 35.38 25.27 24.88
CA GLY B 11 35.20 24.34 26.01
C GLY B 11 35.98 23.05 25.77
N TYR B 12 36.49 22.41 26.81
CA TYR B 12 37.33 21.19 26.72
C TYR B 12 37.00 20.25 27.89
N GLY B 13 35.73 19.86 28.01
CA GLY B 13 35.30 18.88 29.03
C GLY B 13 35.62 17.47 28.60
N ASN B 14 34.68 16.56 28.82
CA ASN B 14 34.85 15.11 28.60
C ASN B 14 34.94 14.90 27.08
N ILE B 15 34.01 15.51 26.33
CA ILE B 15 33.91 15.35 24.85
C ILE B 15 35.01 16.21 24.18
N GLY B 16 35.54 17.20 24.88
CA GLY B 16 36.62 18.07 24.36
C GLY B 16 37.77 17.26 23.75
N ARG B 17 38.35 16.33 24.50
CA ARG B 17 39.53 15.56 24.04
C ARG B 17 39.11 14.76 22.80
N PHE B 18 37.88 14.23 22.77
CA PHE B 18 37.39 13.35 21.69
C PHE B 18 37.12 14.15 20.42
N ALA B 19 36.56 15.37 20.55
CA ALA B 19 36.39 16.37 19.46
C ALA B 19 37.76 16.66 18.82
N LEU B 20 38.81 16.78 19.63
CA LEU B 20 40.20 16.98 19.14
C LEU B 20 40.56 15.84 18.19
N GLU B 21 40.29 14.60 18.62
CA GLU B 21 40.64 13.38 17.85
C GLU B 21 39.81 13.34 16.55
N ALA B 22 38.53 13.70 16.62
CA ALA B 22 37.55 13.60 15.49
C ALA B 22 37.91 14.61 14.41
N VAL B 23 38.33 15.81 14.83
CA VAL B 23 38.81 16.90 13.92
C VAL B 23 40.11 16.43 13.27
N GLN B 24 41.11 16.09 14.08
CA GLN B 24 42.42 15.61 13.58
C GLN B 24 42.21 14.48 12.56
N ALA B 25 41.24 13.58 12.79
CA ALA B 25 41.03 12.36 11.97
C ALA B 25 40.39 12.69 10.62
N ALA B 26 39.73 13.86 10.49
CA ALA B 26 39.03 14.33 9.27
C ALA B 26 39.98 15.13 8.38
N GLN B 27 40.47 14.53 7.29
CA GLN B 27 41.35 15.17 6.28
C GLN B 27 40.76 16.50 5.80
N ASP B 28 39.43 16.66 5.83
CA ASP B 28 38.78 17.86 5.23
C ASP B 28 38.70 19.00 6.26
N PHE B 29 39.20 18.80 7.48
CA PHE B 29 39.21 19.80 8.59
C PHE B 29 40.64 20.19 8.95
N GLU B 30 40.80 21.37 9.54
CA GLU B 30 42.09 21.96 10.01
C GLU B 30 41.84 22.55 11.40
N LEU B 31 42.52 22.06 12.44
CA LEU B 31 42.32 22.53 13.83
C LEU B 31 43.04 23.86 14.03
N VAL B 32 42.32 24.96 14.21
CA VAL B 32 42.96 26.31 14.28
C VAL B 32 43.17 26.64 15.78
N GLY B 33 42.55 25.91 16.72
CA GLY B 33 42.96 25.95 18.14
C GLY B 33 41.87 25.53 19.13
N VAL B 34 42.17 25.59 20.44
CA VAL B 34 41.22 25.26 21.55
C VAL B 34 41.02 26.51 22.43
N VAL B 35 39.76 26.87 22.69
CA VAL B 35 39.33 27.96 23.60
C VAL B 35 38.89 27.35 24.93
N ARG B 36 39.23 27.95 26.07
CA ARG B 36 38.77 27.45 27.41
C ARG B 36 39.02 28.50 28.49
N ARG B 37 38.37 28.32 29.65
CA ARG B 37 38.42 29.23 30.83
C ARG B 37 39.84 29.18 31.42
N ASP B 38 40.39 28.01 31.75
CA ASP B 38 41.77 27.89 32.32
C ASP B 38 42.75 27.47 31.21
N ILE B 39 43.53 28.43 30.70
CA ILE B 39 44.46 28.24 29.55
C ILE B 39 45.76 27.58 30.00
N ASN B 40 45.98 27.44 31.32
CA ASN B 40 47.27 26.99 31.91
C ASN B 40 47.21 25.47 32.15
N ASN B 41 46.00 24.95 32.44
CA ASN B 41 45.68 23.51 32.31
C ASN B 41 45.88 23.08 30.85
N VAL B 42 47.01 22.44 30.55
CA VAL B 42 47.38 22.00 29.17
C VAL B 42 47.78 20.52 29.24
N PRO B 43 46.80 19.59 29.16
CA PRO B 43 47.10 18.15 29.21
C PRO B 43 47.91 17.67 28.00
N GLU B 44 48.36 16.41 28.06
CA GLU B 44 49.29 15.74 27.11
C GLU B 44 49.04 16.24 25.68
N GLU B 45 47.79 16.10 25.21
CA GLU B 45 47.40 16.17 23.77
C GLU B 45 47.35 17.62 23.27
N LEU B 46 47.39 18.61 24.18
CA LEU B 46 47.33 20.06 23.84
C LEU B 46 48.70 20.72 24.01
N GLN B 47 49.77 19.94 24.15
CA GLN B 47 51.16 20.46 24.29
C GLN B 47 51.48 21.37 23.09
N ASN B 48 51.00 21.01 21.90
CA ASN B 48 51.42 21.64 20.62
C ASN B 48 50.24 22.35 19.95
N ILE B 49 49.12 22.49 20.64
CA ILE B 49 47.89 23.15 20.12
C ILE B 49 47.79 24.54 20.75
N THR B 50 47.51 25.57 19.95
CA THR B 50 47.17 26.93 20.45
C THR B 50 45.98 26.80 21.42
N VAL B 51 46.12 27.32 22.65
CA VAL B 51 45.06 27.32 23.69
C VAL B 51 44.88 28.75 24.19
N THR B 52 43.75 29.38 23.89
CA THR B 52 43.42 30.80 24.21
C THR B 52 42.17 30.81 25.06
N ASN B 53 41.80 31.95 25.67
CA ASN B 53 40.50 32.13 26.37
C ASN B 53 39.60 33.04 25.53
N ASP B 54 39.96 33.28 24.26
CA ASP B 54 39.27 34.25 23.37
C ASP B 54 39.49 33.83 21.92
N ILE B 55 38.41 33.48 21.22
CA ILE B 55 38.46 32.81 19.90
C ILE B 55 39.11 33.76 18.86
N LYS B 56 39.03 35.07 19.08
CA LYS B 56 39.55 36.09 18.14
C LYS B 56 41.07 35.94 17.95
N THR B 57 41.79 35.39 18.93
CA THR B 57 43.28 35.21 18.85
C THR B 57 43.66 34.12 17.84
N LEU B 58 42.71 33.28 17.43
CA LEU B 58 42.99 32.14 16.51
C LEU B 58 42.93 32.55 15.04
N GLY B 59 42.63 33.81 14.71
CA GLY B 59 42.49 34.26 13.31
C GLY B 59 41.28 33.64 12.62
N ASP B 60 41.40 33.19 11.37
CA ASP B 60 40.25 32.74 10.54
C ASP B 60 39.75 31.38 10.99
N VAL B 61 38.47 31.31 11.34
CA VAL B 61 37.73 30.11 11.85
C VAL B 61 36.37 30.05 11.13
N ASP B 62 36.12 28.98 10.38
CA ASP B 62 34.82 28.73 9.69
C ASP B 62 33.76 28.34 10.72
N VAL B 63 34.09 27.44 11.66
CA VAL B 63 33.07 26.86 12.58
C VAL B 63 33.70 26.53 13.93
N ALA B 64 32.88 26.62 14.99
CA ALA B 64 33.24 26.32 16.40
C ALA B 64 32.42 25.12 16.93
N LEU B 65 33.11 24.11 17.45
CA LEU B 65 32.48 23.00 18.20
C LEU B 65 32.34 23.44 19.65
N LEU B 66 31.15 23.80 20.11
CA LEU B 66 30.87 24.18 21.51
C LEU B 66 30.80 22.91 22.37
N CYS B 67 31.83 22.66 23.19
CA CYS B 67 31.94 21.51 24.13
C CYS B 67 31.91 22.03 25.57
N SER B 68 31.09 23.04 25.82
CA SER B 68 30.94 23.73 27.13
C SER B 68 29.85 23.04 27.93
N PRO B 69 29.67 23.39 29.22
CA PRO B 69 28.49 22.96 29.97
C PRO B 69 27.18 23.40 29.29
N THR B 70 26.09 22.69 29.57
CA THR B 70 24.75 22.91 28.97
C THR B 70 24.33 24.37 29.21
N ARG B 71 24.47 24.88 30.44
CA ARG B 71 24.00 26.24 30.85
C ARG B 71 24.68 27.34 30.04
N ALA B 72 25.87 27.09 29.48
CA ALA B 72 26.72 28.10 28.81
C ALA B 72 26.44 28.21 27.31
N ILE B 73 25.85 27.18 26.70
CA ILE B 73 25.81 26.98 25.20
C ILE B 73 25.08 28.16 24.57
N LYS B 74 23.95 28.60 25.12
CA LYS B 74 23.08 29.61 24.46
C LYS B 74 23.88 30.91 24.24
N GLU B 75 24.39 31.51 25.32
CA GLU B 75 25.04 32.86 25.30
C GLU B 75 26.34 32.77 24.46
N LEU B 76 27.00 31.63 24.55
CA LEU B 76 28.30 31.33 23.90
C LEU B 76 28.12 31.23 22.39
N ALA B 77 27.06 30.57 21.93
CA ALA B 77 26.71 30.42 20.49
C ALA B 77 26.36 31.80 19.91
N LYS B 78 25.50 32.55 20.59
CA LYS B 78 25.08 33.92 20.19
C LYS B 78 26.34 34.76 19.88
N SER B 79 27.34 34.76 20.77
CA SER B 79 28.55 35.61 20.67
C SER B 79 29.48 35.14 19.55
N ILE B 80 29.59 33.83 19.31
CA ILE B 80 30.52 33.28 18.28
C ILE B 80 29.88 33.44 16.88
N LEU B 81 28.56 33.23 16.76
CA LEU B 81 27.78 33.55 15.54
C LEU B 81 28.01 35.02 15.17
N SER B 82 28.02 35.88 16.20
CA SER B 82 28.12 37.36 16.09
C SER B 82 29.50 37.78 15.58
N LEU B 83 30.52 36.92 15.73
CA LEU B 83 31.86 37.15 15.14
C LEU B 83 31.91 36.58 13.71
N GLY B 84 30.79 36.12 13.15
CA GLY B 84 30.72 35.56 11.79
C GLY B 84 31.33 34.17 11.71
N ILE B 85 31.15 33.35 12.75
CA ILE B 85 31.61 31.93 12.82
C ILE B 85 30.38 31.03 13.01
N ASN B 86 30.39 29.84 12.41
CA ASN B 86 29.30 28.83 12.57
C ASN B 86 29.45 28.15 13.93
N THR B 87 28.33 27.68 14.51
CA THR B 87 28.32 26.89 15.76
C THR B 87 27.74 25.51 15.51
N VAL B 88 28.35 24.49 16.12
CA VAL B 88 27.73 23.15 16.34
C VAL B 88 27.77 22.90 17.84
N ASP B 89 26.69 22.36 18.41
CA ASP B 89 26.61 21.99 19.84
C ASP B 89 25.86 20.67 20.00
N SER B 90 26.04 20.00 21.14
CA SER B 90 25.32 18.76 21.50
C SER B 90 24.31 19.07 22.61
N PHE B 91 23.79 20.32 22.64
CA PHE B 91 22.83 20.82 23.66
C PHE B 91 21.80 19.71 23.93
N ASP B 92 21.75 19.21 25.18
CA ASP B 92 21.14 17.88 25.47
C ASP B 92 19.80 17.97 26.22
N VAL B 93 19.16 19.14 26.26
CA VAL B 93 17.87 19.33 27.00
C VAL B 93 16.75 19.44 25.98
N HIS B 94 16.07 18.31 25.72
CA HIS B 94 15.05 18.13 24.65
C HIS B 94 13.96 19.21 24.82
N SER B 95 13.38 19.35 26.02
CA SER B 95 12.29 20.30 26.33
C SER B 95 12.63 21.73 25.88
N GLU B 96 13.90 22.10 25.71
CA GLU B 96 14.35 23.50 25.43
C GLU B 96 14.91 23.66 24.00
N ILE B 97 14.85 22.63 23.16
CA ILE B 97 15.52 22.65 21.82
C ILE B 97 14.79 23.64 20.93
N VAL B 98 13.45 23.59 20.89
CA VAL B 98 12.62 24.51 20.04
C VAL B 98 13.01 25.96 20.34
N SER B 99 13.10 26.29 21.63
CA SER B 99 13.40 27.65 22.16
C SER B 99 14.84 28.05 21.77
N LEU B 100 15.80 27.13 21.89
CA LEU B 100 17.23 27.43 21.57
C LEU B 100 17.36 27.70 20.07
N LYS B 101 16.63 26.94 19.25
CA LYS B 101 16.77 27.02 17.77
C LYS B 101 16.44 28.44 17.32
N THR B 102 15.38 29.03 17.87
CA THR B 102 14.79 30.30 17.37
C THR B 102 15.56 31.49 17.95
N GLU B 103 16.15 31.34 19.14
CA GLU B 103 17.08 32.34 19.71
C GLU B 103 18.33 32.42 18.85
N LEU B 104 18.86 31.28 18.38
CA LEU B 104 20.09 31.23 17.55
C LEU B 104 19.78 31.57 16.08
N ASP B 105 18.56 31.32 15.61
CA ASP B 105 18.14 31.59 14.20
C ASP B 105 18.24 33.10 13.95
N ASP B 106 17.61 33.91 14.81
CA ASP B 106 17.63 35.41 14.79
C ASP B 106 19.07 35.87 14.51
N VAL B 107 20.00 35.47 15.38
CA VAL B 107 21.43 35.87 15.39
C VAL B 107 22.15 35.29 14.15
N ALA B 108 21.96 34.01 13.87
CA ALA B 108 22.65 33.29 12.77
C ALA B 108 22.33 34.01 11.45
N LYS B 109 21.05 34.36 11.25
CA LYS B 109 20.55 35.03 10.04
C LYS B 109 21.13 36.44 9.94
N LYS B 110 21.16 37.20 11.03
CA LYS B 110 21.68 38.58 11.04
C LYS B 110 23.12 38.60 10.50
N HIS B 111 23.98 37.66 10.92
CA HIS B 111 25.44 37.64 10.60
C HIS B 111 25.75 36.67 9.45
N ASP B 112 24.71 36.14 8.80
CA ASP B 112 24.82 35.27 7.59
C ASP B 112 25.64 34.01 7.90
N ARG B 113 25.36 33.34 9.03
CA ARG B 113 26.07 32.12 9.48
C ARG B 113 25.05 31.02 9.78
N VAL B 114 25.57 29.84 10.11
CA VAL B 114 24.76 28.62 10.39
C VAL B 114 25.07 28.13 11.81
N ALA B 115 24.01 27.78 12.53
CA ALA B 115 24.06 27.08 13.82
C ALA B 115 23.38 25.72 13.64
N VAL B 116 24.11 24.63 13.83
CA VAL B 116 23.51 23.28 14.01
C VAL B 116 23.50 23.00 15.53
N ILE B 117 22.33 22.67 16.07
CA ILE B 117 22.11 22.49 17.54
C ILE B 117 21.72 21.04 17.82
N SER B 118 22.00 20.60 19.05
CA SER B 118 21.58 19.28 19.57
C SER B 118 22.04 18.18 18.59
N ALA B 119 23.34 18.20 18.26
CA ALA B 119 23.99 17.30 17.28
C ALA B 119 24.97 16.37 18.00
N GLY B 120 24.50 15.71 19.06
CA GLY B 120 25.16 14.54 19.68
C GLY B 120 24.59 13.25 19.10
N TRP B 121 24.34 12.24 19.95
CA TRP B 121 23.62 11.01 19.53
C TRP B 121 22.18 10.99 20.08
N ASP B 122 21.89 11.68 21.20
CA ASP B 122 20.48 11.83 21.69
C ASP B 122 20.37 13.00 22.66
N PRO B 123 19.99 14.22 22.19
CA PRO B 123 19.59 14.45 20.81
C PRO B 123 20.73 14.48 19.77
N GLY B 124 20.40 14.13 18.52
CA GLY B 124 21.32 13.97 17.38
C GLY B 124 20.94 12.80 16.49
N SER B 125 21.88 11.86 16.27
CA SER B 125 21.70 10.59 15.52
C SER B 125 20.28 10.05 15.77
N ASP B 126 19.99 9.73 17.03
CA ASP B 126 18.75 9.02 17.40
C ASP B 126 17.56 9.83 16.87
N SER B 127 17.65 11.16 16.92
CA SER B 127 16.60 12.09 16.44
C SER B 127 16.20 11.76 14.99
N ILE B 128 17.19 11.58 14.12
CA ILE B 128 17.01 11.22 12.68
C ILE B 128 16.33 9.84 12.59
N VAL B 129 16.81 8.84 13.33
CA VAL B 129 16.24 7.45 13.30
C VAL B 129 14.78 7.52 13.78
N ARG B 130 14.47 8.34 14.80
CA ARG B 130 13.08 8.50 15.31
C ARG B 130 12.20 9.09 14.21
N THR B 131 12.78 10.01 13.42
CA THR B 131 12.08 10.74 12.33
C THR B 131 11.83 9.77 11.17
N LEU B 132 12.82 8.96 10.84
CA LEU B 132 12.70 7.93 9.77
C LEU B 132 11.59 6.95 10.15
N MET B 133 11.44 6.65 11.43
CA MET B 133 10.48 5.64 11.87
C MET B 133 9.05 6.11 11.57
N LEU B 134 8.79 7.42 11.67
CA LEU B 134 7.46 7.98 11.36
C LEU B 134 7.29 8.14 9.84
N ALA B 135 8.39 8.29 9.09
CA ALA B 135 8.37 8.34 7.61
C ALA B 135 7.95 6.97 7.07
N MET B 136 8.32 5.90 7.77
CA MET B 136 8.10 4.49 7.36
C MET B 136 6.74 3.98 7.90
N ALA B 137 6.27 4.52 9.01
CA ALA B 137 5.08 4.04 9.75
C ALA B 137 4.58 5.14 10.69
N PRO B 138 3.86 6.16 10.16
CA PRO B 138 3.48 7.34 10.94
C PRO B 138 2.67 7.03 12.20
N LYS B 139 1.76 6.06 12.15
CA LYS B 139 0.96 5.64 13.32
C LYS B 139 1.68 4.51 14.06
N GLY B 140 1.52 4.45 15.39
CA GLY B 140 2.14 3.47 16.28
C GLY B 140 3.01 4.15 17.34
N ILE B 141 3.78 3.36 18.10
CA ILE B 141 4.59 3.86 19.26
C ILE B 141 6.09 3.67 19.00
N THR B 142 6.90 4.69 19.33
CA THR B 142 8.39 4.64 19.37
C THR B 142 8.85 4.69 20.83
N TYR B 143 9.81 3.85 21.21
CA TYR B 143 10.45 3.87 22.55
C TYR B 143 11.96 4.01 22.38
N THR B 144 12.62 4.76 23.27
CA THR B 144 14.08 4.97 23.26
C THR B 144 14.65 4.51 24.60
N ASN B 145 15.42 3.43 24.59
CA ASN B 145 15.97 2.76 25.80
C ASN B 145 17.47 3.02 25.90
N PHE B 146 17.91 3.64 27.01
CA PHE B 146 19.31 4.13 27.18
C PHE B 146 20.08 3.21 28.12
N GLY B 147 21.36 2.95 27.76
CA GLY B 147 22.36 2.29 28.61
C GLY B 147 22.57 0.83 28.22
N PRO B 148 23.31 0.04 29.02
CA PRO B 148 23.87 0.53 30.30
C PRO B 148 24.96 1.59 30.06
N GLY B 149 24.94 2.66 30.85
CA GLY B 149 25.88 3.80 30.72
C GLY B 149 25.90 4.70 31.94
N MET B 150 26.95 5.51 32.09
CA MET B 150 27.08 6.48 33.20
C MET B 150 26.08 7.63 32.95
N SER B 151 25.53 8.20 34.04
CA SER B 151 24.61 9.36 34.02
C SER B 151 25.21 10.50 34.84
N MET B 152 25.81 11.49 34.17
CA MET B 152 26.51 12.64 34.81
C MET B 152 25.50 13.42 35.67
N GLY B 153 24.31 13.72 35.14
CA GLY B 153 23.23 14.43 35.85
C GLY B 153 22.92 13.79 37.20
N HIS B 154 22.61 12.50 37.19
CA HIS B 154 22.21 11.69 38.38
C HIS B 154 23.43 11.44 39.29
N SER B 155 24.61 11.27 38.73
CA SER B 155 25.89 11.19 39.49
C SER B 155 26.03 12.43 40.38
N VAL B 156 25.83 13.61 39.80
CA VAL B 156 25.94 14.94 40.47
C VAL B 156 24.91 15.03 41.60
N ALA B 157 23.66 14.67 41.33
CA ALA B 157 22.53 14.70 42.28
C ALA B 157 22.83 13.80 43.48
N ALA B 158 23.52 12.68 43.28
CA ALA B 158 23.90 11.72 44.34
C ALA B 158 25.05 12.31 45.15
N LYS B 159 26.04 12.88 44.45
CA LYS B 159 27.30 13.43 45.04
C LYS B 159 26.96 14.62 45.97
N ALA B 160 25.82 15.27 45.71
CA ALA B 160 25.36 16.50 46.39
C ALA B 160 24.52 16.18 47.64
N ILE B 161 24.53 14.95 48.15
CA ILE B 161 23.69 14.53 49.31
C ILE B 161 24.58 14.33 50.53
N GLU B 162 24.02 14.52 51.74
CA GLU B 162 24.71 14.43 53.06
C GLU B 162 25.45 13.08 53.18
N GLY B 163 26.75 13.11 53.46
CA GLY B 163 27.55 11.92 53.83
C GLY B 163 28.27 11.30 52.65
N VAL B 164 27.97 11.77 51.43
CA VAL B 164 28.46 11.20 50.14
C VAL B 164 29.76 11.89 49.75
N LYS B 165 30.89 11.19 49.82
CA LYS B 165 32.21 11.70 49.33
C LYS B 165 32.17 11.76 47.80
N ASP B 166 32.02 10.60 47.14
CA ASP B 166 31.88 10.48 45.67
C ASP B 166 30.67 9.57 45.36
N ALA B 167 30.15 9.65 44.14
CA ALA B 167 29.00 8.84 43.67
C ALA B 167 29.08 8.61 42.16
N LEU B 168 28.42 7.56 41.68
CA LEU B 168 28.27 7.20 40.26
C LEU B 168 26.90 6.57 40.06
N SER B 169 26.04 7.19 39.24
CA SER B 169 24.73 6.63 38.82
C SER B 169 24.91 5.98 37.45
N MET B 170 24.63 4.68 37.35
CA MET B 170 24.47 3.96 36.06
C MET B 170 22.99 4.00 35.67
N THR B 171 22.71 3.99 34.37
CA THR B 171 21.35 4.00 33.76
C THR B 171 21.16 2.68 33.02
N ILE B 172 20.18 1.89 33.45
CA ILE B 172 19.92 0.51 32.96
C ILE B 172 18.57 0.51 32.22
N PRO B 173 18.51 0.07 30.96
CA PRO B 173 17.23 0.00 30.24
C PRO B 173 16.39 -1.19 30.70
N LEU B 174 15.10 -0.96 30.98
CA LEU B 174 14.12 -2.02 31.30
C LEU B 174 13.02 -2.08 30.23
N GLY B 175 13.20 -1.42 29.08
CA GLY B 175 12.23 -1.40 27.97
C GLY B 175 11.16 -0.32 28.13
N THR B 176 10.46 0.01 27.04
CA THR B 176 9.34 1.01 26.95
C THR B 176 9.74 2.31 27.66
N GLY B 177 10.98 2.74 27.46
CA GLY B 177 11.54 3.99 28.02
C GLY B 177 11.66 4.00 29.54
N VAL B 178 11.37 2.89 30.22
CA VAL B 178 11.55 2.73 31.69
C VAL B 178 13.02 2.43 31.98
N HIS B 179 13.53 2.97 33.10
CA HIS B 179 14.97 2.95 33.49
C HIS B 179 15.13 2.53 34.96
N ARG B 180 16.11 1.69 35.23
CA ARG B 180 16.61 1.35 36.59
C ARG B 180 17.88 2.16 36.83
N ARG B 181 18.08 2.70 38.04
CA ARG B 181 19.29 3.50 38.39
C ARG B 181 20.08 2.74 39.45
N MET B 182 21.29 2.30 39.08
CA MET B 182 22.27 1.63 39.98
C MET B 182 23.28 2.68 40.44
N VAL B 183 23.32 2.97 41.74
CA VAL B 183 24.12 4.09 42.33
C VAL B 183 25.20 3.48 43.23
N TYR B 184 26.46 3.86 43.00
CA TYR B 184 27.63 3.43 43.79
C TYR B 184 28.21 4.67 44.50
N VAL B 185 28.41 4.58 45.82
CA VAL B 185 28.80 5.73 46.69
C VAL B 185 29.98 5.36 47.59
N GLU B 186 30.91 6.30 47.76
CA GLU B 186 31.84 6.39 48.91
C GLU B 186 31.20 7.32 49.95
N LEU B 187 31.24 6.93 51.22
CA LEU B 187 30.75 7.76 52.36
C LEU B 187 31.90 8.59 52.91
N GLU B 188 31.57 9.66 53.65
CA GLU B 188 32.56 10.50 54.37
C GLU B 188 32.78 9.86 55.75
N ALA B 189 34.03 9.80 56.23
CA ALA B 189 34.41 9.15 57.51
C ALA B 189 33.25 9.37 58.49
N GLY B 190 32.65 8.28 58.97
CA GLY B 190 31.49 8.30 59.90
C GLY B 190 30.27 9.01 59.32
N ALA B 191 29.58 8.37 58.39
CA ALA B 191 28.23 8.73 57.88
C ALA B 191 27.36 7.47 57.89
N ASN B 192 26.04 7.62 57.98
CA ASN B 192 25.10 6.48 58.13
C ASN B 192 24.60 6.02 56.75
N PHE B 193 25.04 4.84 56.28
CA PHE B 193 24.71 4.30 54.93
C PHE B 193 23.18 4.36 54.75
N ASN B 194 22.42 3.79 55.68
CA ASN B 194 20.94 3.61 55.56
C ASN B 194 20.26 4.97 55.29
N GLN B 195 20.79 6.04 55.87
CA GLN B 195 20.23 7.41 55.69
C GLN B 195 20.58 7.91 54.28
N VAL B 196 21.83 7.77 53.88
CA VAL B 196 22.34 8.16 52.53
C VAL B 196 21.53 7.41 51.46
N GLU B 197 21.39 6.10 51.60
CA GLU B 197 20.55 5.23 50.73
C GLU B 197 19.14 5.82 50.61
N GLN B 198 18.43 5.94 51.74
CA GLN B 198 17.05 6.48 51.79
C GLN B 198 16.98 7.89 51.16
N ALA B 199 17.99 8.72 51.43
CA ALA B 199 18.08 10.13 50.97
C ALA B 199 18.17 10.18 49.44
N ILE B 200 19.03 9.32 48.88
CA ILE B 200 19.26 9.19 47.41
C ILE B 200 17.97 8.72 46.74
N LYS B 201 17.30 7.71 47.30
CA LYS B 201 16.05 7.11 46.74
C LYS B 201 14.92 8.14 46.79
N ALA B 202 14.83 8.92 47.87
CA ALA B 202 13.80 9.97 48.11
C ALA B 202 14.06 11.20 47.25
N ASP B 203 15.31 11.49 46.86
CA ASP B 203 15.70 12.68 46.06
C ASP B 203 14.86 12.73 44.79
N SER B 204 14.58 13.93 44.26
CA SER B 204 13.66 14.16 43.11
C SER B 204 14.26 13.61 41.80
N TYR B 205 15.57 13.40 41.74
CA TYR B 205 16.28 12.88 40.54
C TYR B 205 16.10 11.36 40.44
N PHE B 206 15.64 10.69 41.50
CA PHE B 206 15.60 9.21 41.62
C PHE B 206 14.22 8.68 42.05
N SER B 207 13.34 9.52 42.60
CA SER B 207 12.13 9.09 43.33
C SER B 207 11.08 8.54 42.37
N SER B 208 11.28 8.67 41.06
CA SER B 208 10.35 8.17 40.00
C SER B 208 10.79 6.80 39.50
N ASP B 209 12.02 6.37 39.82
CA ASP B 209 12.70 5.24 39.14
C ASP B 209 13.07 4.15 40.15
N GLU B 210 13.02 2.89 39.73
CA GLU B 210 13.65 1.75 40.45
C GLU B 210 15.12 2.12 40.70
N THR B 211 15.47 2.44 41.94
CA THR B 211 16.83 2.90 42.34
C THR B 211 17.43 1.93 43.36
N HIS B 212 18.68 1.52 43.14
CA HIS B 212 19.47 0.59 44.00
C HIS B 212 20.78 1.30 44.38
N VAL B 213 21.21 1.21 45.64
CA VAL B 213 22.41 1.95 46.16
C VAL B 213 23.35 0.94 46.84
N LYS B 214 24.60 0.89 46.39
CA LYS B 214 25.66 0.02 46.97
C LYS B 214 26.82 0.93 47.37
N GLN B 215 27.41 0.69 48.53
CA GLN B 215 28.63 1.38 49.01
C GLN B 215 29.86 0.66 48.44
N VAL B 216 30.92 1.41 48.11
CA VAL B 216 32.17 0.86 47.51
C VAL B 216 33.38 1.65 48.01
N ASP B 217 34.59 1.11 47.80
CA ASP B 217 35.91 1.75 48.14
C ASP B 217 36.24 2.86 47.12
N SER B 218 36.74 2.52 45.93
CA SER B 218 37.07 3.46 44.82
C SER B 218 35.88 3.48 43.83
N VAL B 219 35.22 4.63 43.66
CA VAL B 219 34.11 4.82 42.70
C VAL B 219 34.70 5.01 41.29
N ASP B 220 35.90 5.57 41.17
CA ASP B 220 36.48 5.93 39.85
C ASP B 220 36.76 4.64 39.08
N SER B 221 37.14 3.54 39.74
CA SER B 221 37.49 2.27 39.08
C SER B 221 36.25 1.58 38.50
N LEU B 222 35.03 2.02 38.80
CA LEU B 222 33.78 1.49 38.18
C LEU B 222 33.44 2.21 36.87
N LYS B 223 34.08 3.35 36.59
CA LYS B 223 33.71 4.25 35.47
C LYS B 223 34.14 3.67 34.13
N ASP B 224 33.24 3.74 33.16
CA ASP B 224 33.47 3.36 31.74
C ASP B 224 32.53 4.21 30.89
N VAL B 225 33.06 4.83 29.84
CA VAL B 225 32.34 5.87 29.05
C VAL B 225 31.54 5.16 27.95
N GLY B 226 31.55 3.83 27.95
CA GLY B 226 30.67 3.01 27.11
C GLY B 226 29.21 3.37 27.39
N HIS B 227 28.39 3.36 26.36
CA HIS B 227 26.93 3.60 26.50
C HIS B 227 26.21 2.80 25.40
N GLY B 228 24.92 3.04 25.21
CA GLY B 228 24.08 2.26 24.30
C GLY B 228 22.66 2.78 24.22
N VAL B 229 22.01 2.52 23.11
CA VAL B 229 20.56 2.79 22.93
C VAL B 229 19.96 1.58 22.21
N HIS B 230 18.72 1.26 22.55
CA HIS B 230 17.86 0.32 21.82
C HIS B 230 16.55 1.06 21.57
N MET B 231 16.33 1.55 20.34
CA MET B 231 15.03 2.14 19.89
C MET B 231 14.17 1.08 19.22
N THR B 232 12.85 1.16 19.40
CA THR B 232 11.85 0.32 18.71
C THR B 232 10.73 1.20 18.17
N HIS B 233 10.16 0.81 17.04
CA HIS B 233 8.87 1.34 16.54
C HIS B 233 8.00 0.16 16.11
N LYS B 234 6.79 0.08 16.64
CA LYS B 234 5.73 -0.85 16.19
C LYS B 234 4.58 0.00 15.63
N GLY B 235 4.11 -0.24 14.42
CA GLY B 235 3.11 0.68 13.83
C GLY B 235 2.69 0.32 12.43
N VAL B 236 2.11 1.32 11.77
CA VAL B 236 1.23 1.16 10.59
C VAL B 236 1.86 1.89 9.41
N SER B 237 2.19 1.13 8.35
CA SER B 237 2.52 1.67 7.00
C SER B 237 1.24 1.68 6.18
N GLY B 238 0.70 2.87 5.91
CA GLY B 238 -0.62 3.07 5.26
C GLY B 238 -1.73 2.52 6.14
N LYS B 239 -2.22 1.33 5.81
CA LYS B 239 -3.29 0.65 6.59
C LYS B 239 -2.81 -0.70 7.11
N THR B 240 -1.53 -1.03 6.92
CA THR B 240 -0.92 -2.33 7.30
C THR B 240 -0.24 -2.22 8.67
N HIS B 241 -0.74 -2.97 9.67
CA HIS B 241 -0.28 -2.91 11.09
C HIS B 241 0.84 -3.93 11.37
N ASN B 242 1.45 -3.80 12.55
CA ASN B 242 2.47 -4.69 13.14
C ASN B 242 3.73 -4.66 12.28
N GLN B 243 4.08 -3.48 11.74
CA GLN B 243 5.41 -3.20 11.14
C GLN B 243 6.40 -2.98 12.27
N LEU B 244 7.47 -3.76 12.32
CA LEU B 244 8.44 -3.81 13.45
C LEU B 244 9.80 -3.27 13.00
N PHE B 245 10.28 -2.22 13.66
CA PHE B 245 11.59 -1.56 13.41
C PHE B 245 12.35 -1.47 14.73
N GLU B 246 13.67 -1.50 14.65
CA GLU B 246 14.58 -1.64 15.81
C GLU B 246 15.95 -1.09 15.39
N TYR B 247 16.62 -0.37 16.30
CA TYR B 247 17.97 0.22 16.11
C TYR B 247 18.72 0.11 17.44
N SER B 248 19.94 -0.40 17.41
CA SER B 248 20.80 -0.63 18.60
C SER B 248 22.22 -0.19 18.29
N MET B 249 22.91 0.29 19.31
CA MET B 249 24.37 0.51 19.26
C MET B 249 24.95 0.33 20.65
N ARG B 250 26.15 -0.22 20.71
CA ARG B 250 27.05 -0.24 21.89
C ARG B 250 28.30 0.53 21.46
N ILE B 251 28.53 1.67 22.08
CA ILE B 251 29.43 2.74 21.55
C ILE B 251 30.16 3.39 22.72
N ASN B 252 31.26 4.05 22.40
CA ASN B 252 31.94 4.99 23.32
C ASN B 252 31.19 6.31 23.25
N ASN B 253 30.64 6.78 24.36
CA ASN B 253 29.72 7.95 24.43
C ASN B 253 30.39 9.18 23.84
N PRO B 254 31.42 9.77 24.49
CA PRO B 254 32.03 11.00 23.98
C PRO B 254 32.65 10.86 22.58
N ALA B 255 33.18 9.68 22.25
CA ALA B 255 33.74 9.37 20.90
C ALA B 255 32.69 9.71 19.84
N LEU B 256 31.47 9.22 20.05
CA LEU B 256 30.34 9.35 19.09
C LEU B 256 29.82 10.79 19.13
N THR B 257 29.49 11.31 20.31
CA THR B 257 28.99 12.70 20.47
C THR B 257 29.87 13.66 19.65
N SER B 258 31.18 13.60 19.86
CA SER B 258 32.20 14.49 19.23
C SER B 258 32.23 14.27 17.71
N GLN B 259 32.20 13.00 17.27
CA GLN B 259 32.32 12.65 15.83
C GLN B 259 31.11 13.19 15.07
N PHE B 260 29.92 13.14 15.68
CA PHE B 260 28.66 13.57 15.02
C PHE B 260 28.66 15.11 14.94
N MET B 261 29.25 15.77 15.93
CA MET B 261 29.40 17.25 15.93
C MET B 261 30.31 17.65 14.76
N VAL B 262 31.39 16.92 14.52
CA VAL B 262 32.32 17.18 13.39
C VAL B 262 31.55 16.99 12.07
N SER B 263 30.69 15.97 11.98
CA SER B 263 29.84 15.71 10.79
C SER B 263 28.87 16.88 10.61
N ALA B 264 28.25 17.35 11.71
CA ALA B 264 27.31 18.49 11.69
C ALA B 264 28.02 19.75 11.20
N ALA B 265 29.26 19.97 11.67
CA ALA B 265 30.11 21.12 11.29
C ALA B 265 30.32 21.09 9.78
N ARG B 266 30.73 19.94 9.23
CA ARG B 266 30.90 19.75 7.77
C ARG B 266 29.61 20.20 7.06
N ALA B 267 28.46 19.73 7.54
CA ALA B 267 27.13 20.02 6.98
C ALA B 267 26.80 21.51 7.12
N SER B 268 27.17 22.14 8.24
CA SER B 268 26.87 23.56 8.55
C SER B 268 27.35 24.47 7.40
N MET B 269 28.44 24.09 6.73
CA MET B 269 29.09 24.89 5.67
C MET B 269 28.22 24.92 4.39
N LYS B 270 27.18 24.10 4.29
CA LYS B 270 26.38 23.94 3.05
C LYS B 270 24.94 24.46 3.19
N GLN B 271 24.51 24.92 4.37
CA GLN B 271 23.09 25.33 4.60
C GLN B 271 22.95 26.85 4.42
N ARG B 272 21.74 27.31 4.07
CA ARG B 272 21.39 28.75 4.08
C ARG B 272 21.46 29.23 5.52
N ALA B 273 21.70 30.52 5.74
CA ALA B 273 21.88 31.09 7.08
C ALA B 273 20.66 30.77 7.96
N GLY B 274 20.91 30.43 9.22
CA GLY B 274 19.87 30.11 10.22
C GLY B 274 20.33 29.03 11.18
N ALA B 275 19.46 28.66 12.11
CA ALA B 275 19.68 27.60 13.10
C ALA B 275 18.87 26.36 12.68
N TYR B 276 19.42 25.17 12.91
CA TYR B 276 18.83 23.87 12.50
C TYR B 276 18.99 22.82 13.60
N THR B 277 17.98 21.99 13.79
CA THR B 277 18.12 20.65 14.38
C THR B 277 18.63 19.73 13.27
N VAL B 278 19.14 18.55 13.60
CA VAL B 278 19.82 17.64 12.62
C VAL B 278 18.77 16.95 11.73
N ILE B 279 17.48 17.03 12.09
CA ILE B 279 16.40 16.42 11.27
C ILE B 279 16.00 17.41 10.17
N GLU B 280 16.62 18.59 10.12
CA GLU B 280 16.35 19.66 9.12
C GLU B 280 17.52 19.74 8.11
N ILE B 281 18.51 18.87 8.22
CA ILE B 281 19.71 18.83 7.33
C ILE B 281 19.60 17.57 6.48
N PRO B 282 19.86 17.66 5.15
CA PRO B 282 20.07 16.47 4.33
C PRO B 282 21.17 15.56 4.87
N PRO B 283 20.87 14.26 5.16
CA PRO B 283 21.85 13.34 5.71
C PRO B 283 23.22 13.34 5.02
N VAL B 284 23.23 13.47 3.69
CA VAL B 284 24.48 13.32 2.89
C VAL B 284 25.39 14.53 3.14
N ASP B 285 24.82 15.66 3.59
CA ASP B 285 25.57 16.91 3.88
C ASP B 285 26.57 16.66 5.03
N PHE B 286 26.26 15.69 5.90
CA PHE B 286 27.12 15.28 7.04
C PHE B 286 28.42 14.60 6.57
N LEU B 287 28.46 14.09 5.35
CA LEU B 287 29.58 13.23 4.87
C LEU B 287 30.57 14.05 4.02
N ALA B 288 31.83 13.61 4.03
CA ALA B 288 32.90 14.08 3.12
C ALA B 288 32.86 13.19 1.87
N GLY B 289 33.32 13.71 0.73
CA GLY B 289 33.45 12.96 -0.53
C GLY B 289 32.62 13.55 -1.65
N ASP B 290 32.79 13.04 -2.86
CA ASP B 290 32.04 13.46 -4.09
C ASP B 290 30.60 12.96 -3.98
N LEU B 291 29.63 13.88 -4.09
CA LEU B 291 28.18 13.57 -4.01
C LEU B 291 27.87 12.29 -4.80
N ASN B 292 28.36 12.18 -6.04
CA ASN B 292 27.94 11.05 -6.93
C ASN B 292 28.56 9.73 -6.47
N THR B 293 29.78 9.74 -5.94
CA THR B 293 30.43 8.50 -5.39
C THR B 293 29.68 8.04 -4.14
N LEU B 294 29.23 9.01 -3.32
CA LEU B 294 28.52 8.77 -2.05
C LEU B 294 27.14 8.18 -2.35
N ILE B 295 26.44 8.73 -3.33
CA ILE B 295 25.11 8.21 -3.78
C ILE B 295 25.30 6.78 -4.28
N ALA B 296 26.29 6.53 -5.14
CA ALA B 296 26.59 5.20 -5.71
C ALA B 296 26.84 4.20 -4.58
N LYS B 297 27.46 4.65 -3.49
CA LYS B 297 27.93 3.80 -2.37
C LYS B 297 26.79 3.53 -1.38
N LEU B 298 25.88 4.47 -1.19
CA LEU B 298 24.90 4.46 -0.07
C LEU B 298 23.48 4.13 -0.54
N VAL B 299 23.03 4.70 -1.65
CA VAL B 299 21.57 4.70 -1.96
C VAL B 299 21.19 3.33 -2.52
N THR C 3 -19.35 -30.70 -0.81
CA THR C 3 -18.28 -30.89 0.25
C THR C 3 -17.68 -29.51 0.59
N LYS C 4 -18.41 -28.42 0.35
CA LYS C 4 -18.02 -27.03 0.73
C LYS C 4 -18.65 -26.70 2.09
N ILE C 5 -17.88 -26.17 3.05
CA ILE C 5 -18.39 -25.89 4.42
C ILE C 5 -19.11 -24.54 4.38
N LYS C 6 -20.40 -24.50 4.74
CA LYS C 6 -21.27 -23.31 4.60
C LYS C 6 -21.31 -22.52 5.90
N VAL C 7 -20.74 -21.31 5.88
CA VAL C 7 -20.42 -20.54 7.12
C VAL C 7 -21.11 -19.16 7.10
N ALA C 8 -21.68 -18.80 8.26
CA ALA C 8 -22.24 -17.47 8.55
C ALA C 8 -21.36 -16.80 9.59
N ILE C 9 -21.07 -15.52 9.42
CA ILE C 9 -20.38 -14.66 10.44
C ILE C 9 -21.46 -13.91 11.24
N VAL C 10 -21.60 -14.21 12.54
CA VAL C 10 -22.64 -13.60 13.43
C VAL C 10 -21.95 -12.60 14.36
N GLY C 11 -22.38 -11.34 14.32
CA GLY C 11 -21.61 -10.21 14.87
C GLY C 11 -20.52 -9.80 13.90
N TYR C 12 -20.17 -8.51 13.87
CA TYR C 12 -19.18 -7.93 12.95
C TYR C 12 -18.41 -6.82 13.67
N GLY C 13 -17.77 -7.15 14.79
CA GLY C 13 -16.89 -6.21 15.51
C GLY C 13 -15.54 -6.06 14.83
N ASN C 14 -14.50 -6.03 15.65
CA ASN C 14 -13.09 -5.82 15.22
C ASN C 14 -12.69 -7.06 14.42
N ILE C 15 -12.93 -8.26 14.96
CA ILE C 15 -12.52 -9.55 14.34
C ILE C 15 -13.47 -9.88 13.19
N GLY C 16 -14.67 -9.29 13.17
CA GLY C 16 -15.65 -9.50 12.10
C GLY C 16 -15.03 -9.37 10.72
N ARG C 17 -14.39 -8.23 10.42
CA ARG C 17 -13.83 -7.96 9.08
C ARG C 17 -12.81 -9.04 8.74
N PHE C 18 -12.02 -9.47 9.74
CA PHE C 18 -10.88 -10.39 9.54
C PHE C 18 -11.41 -11.81 9.29
N ALA C 19 -12.45 -12.21 10.02
CA ALA C 19 -13.20 -13.48 9.80
C ALA C 19 -13.71 -13.55 8.35
N LEU C 20 -14.22 -12.43 7.83
CA LEU C 20 -14.67 -12.32 6.42
C LEU C 20 -13.52 -12.69 5.49
N GLU C 21 -12.34 -12.15 5.74
CA GLU C 21 -11.13 -12.37 4.91
C GLU C 21 -10.70 -13.84 5.01
N ALA C 22 -10.74 -14.43 6.21
CA ALA C 22 -10.24 -15.79 6.50
C ALA C 22 -11.14 -16.82 5.82
N VAL C 23 -12.45 -16.57 5.83
CA VAL C 23 -13.48 -17.40 5.14
C VAL C 23 -13.25 -17.30 3.63
N GLN C 24 -13.27 -16.08 3.09
CA GLN C 24 -13.06 -15.83 1.64
C GLN C 24 -11.78 -16.54 1.18
N ALA C 25 -10.72 -16.55 1.99
CA ALA C 25 -9.38 -17.08 1.62
C ALA C 25 -9.36 -18.61 1.58
N ALA C 26 -10.31 -19.27 2.26
CA ALA C 26 -10.41 -20.74 2.38
C ALA C 26 -11.27 -21.33 1.25
N GLN C 27 -10.65 -21.95 0.24
CA GLN C 27 -11.36 -22.59 -0.90
C GLN C 27 -12.38 -23.60 -0.40
N ASP C 28 -12.21 -24.17 0.80
CA ASP C 28 -13.10 -25.26 1.27
C ASP C 28 -14.32 -24.68 1.99
N PHE C 29 -14.44 -23.35 2.08
CA PHE C 29 -15.57 -22.64 2.74
C PHE C 29 -16.38 -21.88 1.68
N GLU C 30 -17.66 -21.67 1.98
CA GLU C 30 -18.64 -20.88 1.18
C GLU C 30 -19.30 -19.91 2.15
N LEU C 31 -19.13 -18.61 1.92
CA LEU C 31 -19.71 -17.56 2.80
C LEU C 31 -21.19 -17.41 2.47
N VAL C 32 -22.08 -17.80 3.36
CA VAL C 32 -23.55 -17.80 3.04
C VAL C 32 -24.11 -16.46 3.55
N GLY C 33 -23.40 -15.72 4.40
CA GLY C 33 -23.70 -14.30 4.67
C GLY C 33 -23.16 -13.77 6.01
N VAL C 34 -23.43 -12.50 6.34
CA VAL C 34 -23.08 -11.85 7.64
C VAL C 34 -24.37 -11.42 8.36
N VAL C 35 -24.50 -11.80 9.63
CA VAL C 35 -25.63 -11.46 10.53
C VAL C 35 -25.18 -10.31 11.45
N ARG C 36 -26.04 -9.31 11.68
CA ARG C 36 -25.71 -8.18 12.59
C ARG C 36 -26.96 -7.37 12.94
N ARG C 37 -26.87 -6.56 13.99
CA ARG C 37 -27.98 -5.75 14.59
C ARG C 37 -28.40 -4.67 13.56
N ASP C 38 -27.46 -3.82 13.13
CA ASP C 38 -27.71 -2.71 12.17
C ASP C 38 -27.24 -3.15 10.77
N ILE C 39 -28.20 -3.50 9.91
CA ILE C 39 -27.91 -4.04 8.54
C ILE C 39 -27.61 -2.90 7.56
N ASN C 40 -27.80 -1.63 7.98
CA ASN C 40 -27.70 -0.44 7.08
C ASN C 40 -26.29 0.16 7.18
N ASN C 41 -25.62 -0.01 8.33
CA ASN C 41 -24.14 0.11 8.45
C ASN C 41 -23.53 -0.97 7.55
N VAL C 42 -23.07 -0.60 6.35
CA VAL C 42 -22.50 -1.54 5.34
C VAL C 42 -21.16 -0.99 4.87
N PRO C 43 -20.05 -1.26 5.62
CA PRO C 43 -18.73 -0.76 5.24
C PRO C 43 -18.23 -1.35 3.91
N GLU C 44 -17.11 -0.82 3.43
CA GLU C 44 -16.51 -1.08 2.09
C GLU C 44 -16.71 -2.56 1.69
N GLU C 45 -16.25 -3.48 2.54
CA GLU C 45 -16.02 -4.92 2.22
C GLU C 45 -17.35 -5.70 2.18
N LEU C 46 -18.44 -5.13 2.69
CA LEU C 46 -19.79 -5.79 2.73
C LEU C 46 -20.73 -5.16 1.68
N GLN C 47 -20.20 -4.38 0.73
CA GLN C 47 -21.00 -3.82 -0.40
C GLN C 47 -21.62 -5.00 -1.17
N ASN C 48 -20.93 -6.14 -1.26
CA ASN C 48 -21.29 -7.25 -2.17
C ASN C 48 -21.67 -8.50 -1.37
N ILE C 49 -21.72 -8.41 -0.05
CA ILE C 49 -22.01 -9.59 0.84
C ILE C 49 -23.45 -9.47 1.36
N THR C 50 -24.20 -10.58 1.33
CA THR C 50 -25.52 -10.71 1.99
C THR C 50 -25.37 -10.31 3.47
N VAL C 51 -26.19 -9.36 3.93
CA VAL C 51 -26.21 -8.88 5.34
C VAL C 51 -27.66 -8.95 5.82
N THR C 52 -27.95 -9.84 6.78
CA THR C 52 -29.30 -10.02 7.38
C THR C 52 -29.18 -9.72 8.87
N ASN C 53 -30.31 -9.58 9.57
CA ASN C 53 -30.37 -9.45 11.04
C ASN C 53 -30.93 -10.74 11.63
N ASP C 54 -30.97 -11.81 10.84
CA ASP C 54 -31.55 -13.12 11.25
C ASP C 54 -30.97 -14.24 10.38
N ILE C 55 -30.25 -15.17 11.01
CA ILE C 55 -29.46 -16.24 10.34
C ILE C 55 -30.37 -17.13 9.50
N LYS C 56 -31.65 -17.25 9.86
CA LYS C 56 -32.63 -18.11 9.17
C LYS C 56 -32.78 -17.70 7.69
N THR C 57 -32.56 -16.42 7.34
CA THR C 57 -32.74 -15.90 5.95
C THR C 57 -31.61 -16.41 5.04
N LEU C 58 -30.52 -16.95 5.60
CA LEU C 58 -29.34 -17.39 4.83
C LEU C 58 -29.48 -18.85 4.34
N GLY C 59 -30.61 -19.51 4.63
CA GLY C 59 -30.86 -20.90 4.22
C GLY C 59 -29.99 -21.88 4.98
N ASP C 60 -29.45 -22.89 4.29
CA ASP C 60 -28.66 -23.96 4.96
C ASP C 60 -27.26 -23.45 5.28
N VAL C 61 -26.89 -23.55 6.57
CA VAL C 61 -25.62 -23.09 7.17
C VAL C 61 -25.07 -24.23 8.05
N ASP C 62 -23.87 -24.71 7.73
CA ASP C 62 -23.19 -25.78 8.51
C ASP C 62 -22.71 -25.20 9.84
N VAL C 63 -22.08 -24.01 9.83
CA VAL C 63 -21.40 -23.49 11.04
C VAL C 63 -21.45 -21.95 11.05
N ALA C 64 -21.47 -21.38 12.27
CA ALA C 64 -21.51 -19.93 12.55
C ALA C 64 -20.25 -19.51 13.33
N LEU C 65 -19.54 -18.51 12.83
CA LEU C 65 -18.43 -17.85 13.54
C LEU C 65 -19.04 -16.74 14.39
N LEU C 66 -19.15 -16.93 15.70
CA LEU C 66 -19.68 -15.90 16.64
C LEU C 66 -18.59 -14.86 16.89
N CYS C 67 -18.76 -13.65 16.33
CA CYS C 67 -17.82 -12.50 16.48
C CYS C 67 -18.52 -11.38 17.25
N SER C 68 -19.32 -11.75 18.25
CA SER C 68 -20.08 -10.84 19.14
C SER C 68 -19.23 -10.51 20.35
N PRO C 69 -19.64 -9.52 21.18
CA PRO C 69 -18.98 -9.26 22.44
C PRO C 69 -19.00 -10.49 23.36
N THR C 70 -18.07 -10.53 24.32
CA THR C 70 -17.85 -11.65 25.26
C THR C 70 -19.16 -11.98 25.98
N ARG C 71 -19.86 -10.97 26.52
CA ARG C 71 -21.09 -11.12 27.36
C ARG C 71 -22.22 -11.81 26.57
N ALA C 72 -22.23 -11.73 25.23
CA ALA C 72 -23.32 -12.19 24.36
C ALA C 72 -23.15 -13.66 23.91
N ILE C 73 -21.93 -14.21 23.98
CA ILE C 73 -21.55 -15.48 23.30
C ILE C 73 -22.42 -16.63 23.81
N LYS C 74 -22.66 -16.72 25.12
CA LYS C 74 -23.35 -17.90 25.72
C LYS C 74 -24.75 -18.05 25.10
N GLU C 75 -25.61 -17.03 25.25
CA GLU C 75 -27.04 -17.09 24.84
C GLU C 75 -27.11 -17.24 23.31
N LEU C 76 -26.17 -16.62 22.61
CA LEU C 76 -26.09 -16.57 21.12
C LEU C 76 -25.75 -17.97 20.57
N ALA C 77 -24.81 -18.67 21.21
CA ALA C 77 -24.39 -20.03 20.82
C ALA C 77 -25.54 -21.00 21.06
N LYS C 78 -26.15 -20.94 22.25
CA LYS C 78 -27.33 -21.77 22.61
C LYS C 78 -28.38 -21.70 21.50
N SER C 79 -28.73 -20.50 21.03
CA SER C 79 -29.84 -20.26 20.05
C SER C 79 -29.46 -20.76 18.66
N ILE C 80 -28.19 -20.63 18.25
CA ILE C 80 -27.75 -21.04 16.89
C ILE C 80 -27.55 -22.56 16.84
N LEU C 81 -27.01 -23.17 17.90
CA LEU C 81 -26.96 -24.64 18.07
C LEU C 81 -28.37 -25.20 17.93
N SER C 82 -29.34 -24.51 18.54
CA SER C 82 -30.78 -24.89 18.62
C SER C 82 -31.44 -24.86 17.25
N LEU C 83 -30.89 -24.13 16.29
CA LEU C 83 -31.34 -24.14 14.88
C LEU C 83 -30.62 -25.26 14.10
N GLY C 84 -29.82 -26.10 14.76
CA GLY C 84 -29.06 -27.19 14.11
C GLY C 84 -27.87 -26.68 13.32
N ILE C 85 -27.18 -25.65 13.84
CA ILE C 85 -25.94 -25.05 13.25
C ILE C 85 -24.81 -25.19 14.27
N ASN C 86 -23.58 -25.44 13.80
CA ASN C 86 -22.37 -25.51 14.66
C ASN C 86 -21.95 -24.09 15.04
N THR C 87 -21.33 -23.92 16.21
CA THR C 87 -20.78 -22.62 16.67
C THR C 87 -19.27 -22.74 16.90
N VAL C 88 -18.54 -21.72 16.49
CA VAL C 88 -17.13 -21.47 16.90
C VAL C 88 -17.11 -20.09 17.53
N ASP C 89 -16.41 -19.90 18.64
CA ASP C 89 -16.23 -18.58 19.31
C ASP C 89 -14.79 -18.46 19.83
N SER C 90 -14.35 -17.23 20.11
CA SER C 90 -13.03 -16.93 20.72
C SER C 90 -13.21 -16.48 22.16
N PHE C 91 -14.29 -16.96 22.83
CA PHE C 91 -14.66 -16.61 24.22
C PHE C 91 -13.39 -16.55 25.07
N ASP C 92 -13.05 -15.38 25.60
CA ASP C 92 -11.68 -15.07 26.08
C ASP C 92 -11.56 -14.99 27.62
N VAL C 93 -12.53 -15.50 28.38
CA VAL C 93 -12.49 -15.44 29.87
C VAL C 93 -12.18 -16.85 30.41
N HIS C 94 -10.90 -17.10 30.70
CA HIS C 94 -10.34 -18.42 31.09
C HIS C 94 -11.13 -19.00 32.27
N SER C 95 -11.31 -18.25 33.36
CA SER C 95 -12.00 -18.71 34.60
C SER C 95 -13.39 -19.29 34.29
N GLU C 96 -14.02 -18.95 33.15
CA GLU C 96 -15.43 -19.33 32.83
C GLU C 96 -15.50 -20.35 31.68
N ILE C 97 -14.38 -20.85 31.17
CA ILE C 97 -14.37 -21.76 29.99
C ILE C 97 -14.99 -23.10 30.37
N VAL C 98 -14.63 -23.68 31.52
CA VAL C 98 -15.18 -24.99 31.98
C VAL C 98 -16.71 -24.91 32.05
N SER C 99 -17.21 -23.80 32.61
CA SER C 99 -18.67 -23.51 32.78
C SER C 99 -19.36 -23.36 31.42
N LEU C 100 -18.73 -22.65 30.48
CA LEU C 100 -19.33 -22.39 29.14
C LEU C 100 -19.40 -23.70 28.37
N LYS C 101 -18.39 -24.55 28.52
CA LYS C 101 -18.29 -25.81 27.76
C LYS C 101 -19.51 -26.67 28.05
N THR C 102 -19.90 -26.77 29.31
CA THR C 102 -20.93 -27.73 29.78
C THR C 102 -22.34 -27.17 29.55
N GLU C 103 -22.48 -25.84 29.56
CA GLU C 103 -23.74 -25.16 29.15
C GLU C 103 -23.99 -25.42 27.66
N LEU C 104 -22.96 -25.36 26.83
CA LEU C 104 -23.09 -25.56 25.35
C LEU C 104 -23.13 -27.06 25.00
N ASP C 105 -22.52 -27.92 25.81
CA ASP C 105 -22.50 -29.40 25.59
C ASP C 105 -23.94 -29.93 25.62
N ASP C 106 -24.70 -29.61 26.69
CA ASP C 106 -26.14 -29.94 26.91
C ASP C 106 -26.89 -29.72 25.60
N VAL C 107 -26.82 -28.47 25.10
CA VAL C 107 -27.58 -27.96 23.91
C VAL C 107 -27.04 -28.62 22.64
N ALA C 108 -25.71 -28.66 22.47
CA ALA C 108 -25.05 -29.19 21.26
C ALA C 108 -25.47 -30.64 21.06
N LYS C 109 -25.48 -31.42 22.14
CA LYS C 109 -25.85 -32.86 22.13
C LYS C 109 -27.34 -33.03 21.80
N LYS C 110 -28.21 -32.23 22.40
CA LYS C 110 -29.67 -32.31 22.16
C LYS C 110 -29.97 -32.18 20.66
N HIS C 111 -29.33 -31.24 19.95
CA HIS C 111 -29.62 -30.90 18.52
C HIS C 111 -28.60 -31.57 17.58
N ASP C 112 -27.75 -32.45 18.10
CA ASP C 112 -26.76 -33.26 17.34
C ASP C 112 -25.80 -32.35 16.57
N ARG C 113 -25.25 -31.33 17.22
CA ARG C 113 -24.30 -30.34 16.62
C ARG C 113 -23.03 -30.25 17.46
N VAL C 114 -22.07 -29.46 16.99
CA VAL C 114 -20.75 -29.26 17.63
C VAL C 114 -20.55 -27.78 17.93
N ALA C 115 -20.06 -27.50 19.12
CA ALA C 115 -19.60 -26.18 19.58
C ALA C 115 -18.10 -26.28 19.86
N VAL C 116 -17.27 -25.53 19.14
CA VAL C 116 -15.85 -25.31 19.51
C VAL C 116 -15.80 -23.93 20.18
N ILE C 117 -15.26 -23.86 21.41
CA ILE C 117 -15.24 -22.64 22.24
C ILE C 117 -13.80 -22.21 22.49
N SER C 118 -13.62 -20.92 22.76
CA SER C 118 -12.32 -20.33 23.17
C SER C 118 -11.25 -20.72 22.14
N ALA C 119 -11.54 -20.45 20.86
CA ALA C 119 -10.70 -20.81 19.69
C ALA C 119 -10.16 -19.52 19.04
N GLY C 120 -9.53 -18.67 19.86
CA GLY C 120 -8.66 -17.57 19.40
C GLY C 120 -7.20 -18.02 19.43
N TRP C 121 -6.28 -17.17 19.91
CA TRP C 121 -4.87 -17.57 20.14
C TRP C 121 -4.56 -17.72 21.64
N ASP C 122 -5.30 -17.04 22.53
CA ASP C 122 -5.16 -17.26 24.00
C ASP C 122 -6.39 -16.72 24.73
N PRO C 123 -7.41 -17.56 25.01
CA PRO C 123 -7.36 -19.00 24.75
C PRO C 123 -7.53 -19.42 23.28
N GLY C 124 -6.94 -20.57 22.92
CA GLY C 124 -6.85 -21.12 21.56
C GLY C 124 -5.50 -21.77 21.30
N SER C 125 -4.81 -21.36 20.22
CA SER C 125 -3.44 -21.80 19.83
C SER C 125 -2.60 -22.07 21.07
N ASP C 126 -2.37 -21.01 21.85
CA ASP C 126 -1.43 -21.06 23.00
C ASP C 126 -1.83 -22.23 23.90
N SER C 127 -3.14 -22.45 24.07
CA SER C 127 -3.70 -23.52 24.93
C SER C 127 -3.10 -24.88 24.53
N ILE C 128 -3.07 -25.18 23.23
CA ILE C 128 -2.51 -26.44 22.68
C ILE C 128 -1.01 -26.52 22.99
N VAL C 129 -0.26 -25.44 22.76
CA VAL C 129 1.22 -25.40 23.02
C VAL C 129 1.47 -25.60 24.53
N ARG C 130 0.63 -25.04 25.40
CA ARG C 130 0.76 -25.21 26.88
C ARG C 130 0.54 -26.69 27.23
N THR C 131 -0.38 -27.34 26.51
CA THR C 131 -0.77 -28.75 26.74
C THR C 131 0.36 -29.65 26.24
N LEU C 132 0.94 -29.32 25.09
CA LEU C 132 2.08 -30.07 24.52
C LEU C 132 3.25 -30.02 25.50
N MET C 133 3.42 -28.89 26.17
CA MET C 133 4.58 -28.70 27.07
C MET C 133 4.51 -29.68 28.23
N LEU C 134 3.31 -30.01 28.72
CA LEU C 134 3.13 -31.00 29.82
C LEU C 134 3.22 -32.43 29.26
N ALA C 135 2.88 -32.64 27.98
CA ALA C 135 3.02 -33.95 27.32
C ALA C 135 4.51 -34.30 27.19
N MET C 136 5.35 -33.29 27.02
CA MET C 136 6.82 -33.44 26.80
C MET C 136 7.58 -33.44 28.14
N ALA C 137 7.04 -32.79 29.17
CA ALA C 137 7.71 -32.55 30.45
C ALA C 137 6.66 -32.21 31.51
N PRO C 138 5.94 -33.22 32.05
CA PRO C 138 4.81 -32.97 32.95
C PRO C 138 5.15 -32.16 34.21
N LYS C 139 6.31 -32.39 34.80
CA LYS C 139 6.79 -31.60 35.98
C LYS C 139 7.58 -30.38 35.51
N GLY C 140 7.50 -29.29 36.27
CA GLY C 140 8.18 -28.00 36.00
C GLY C 140 7.17 -26.87 35.87
N ILE C 141 7.62 -25.68 35.45
CA ILE C 141 6.80 -24.44 35.39
C ILE C 141 6.66 -23.96 33.94
N THR C 142 5.46 -23.52 33.56
CA THR C 142 5.12 -22.84 32.27
C THR C 142 4.76 -21.38 32.57
N TYR C 143 5.23 -20.41 31.79
CA TYR C 143 4.85 -18.98 31.87
C TYR C 143 4.37 -18.52 30.50
N THR C 144 3.36 -17.64 30.47
CA THR C 144 2.82 -17.06 29.22
C THR C 144 2.98 -15.53 29.28
N ASN C 145 3.84 -14.98 28.43
CA ASN C 145 4.18 -13.53 28.40
C ASN C 145 3.52 -12.86 27.19
N PHE C 146 2.67 -11.85 27.44
CA PHE C 146 1.84 -11.20 26.41
C PHE C 146 2.43 -9.84 26.02
N GLY C 147 2.38 -9.54 24.72
CA GLY C 147 2.65 -8.21 24.15
C GLY C 147 4.05 -8.13 23.54
N PRO C 148 4.52 -6.91 23.19
CA PRO C 148 3.75 -5.69 23.39
C PRO C 148 2.50 -5.65 22.52
N GLY C 149 1.36 -5.24 23.08
CA GLY C 149 0.05 -5.21 22.38
C GLY C 149 -0.96 -4.33 23.08
N MET C 150 -1.99 -3.89 22.35
CA MET C 150 -3.12 -3.09 22.90
C MET C 150 -3.95 -3.99 23.82
N SER C 151 -4.51 -3.42 24.88
CA SER C 151 -5.40 -4.11 25.87
C SER C 151 -6.76 -3.40 25.91
N MET C 152 -7.77 -3.93 25.22
CA MET C 152 -9.13 -3.33 25.11
C MET C 152 -9.76 -3.22 26.51
N GLY C 153 -9.67 -4.28 27.32
CA GLY C 153 -10.21 -4.28 28.70
C GLY C 153 -9.67 -3.11 29.52
N HIS C 154 -8.34 -2.98 29.59
CA HIS C 154 -7.64 -1.93 30.39
C HIS C 154 -7.79 -0.55 29.75
N SER C 155 -7.86 -0.47 28.42
CA SER C 155 -8.18 0.77 27.66
C SER C 155 -9.51 1.33 28.17
N VAL C 156 -10.53 0.47 28.24
CA VAL C 156 -11.93 0.82 28.65
C VAL C 156 -11.90 1.31 30.12
N ALA C 157 -11.22 0.60 31.00
CA ALA C 157 -11.09 0.92 32.44
C ALA C 157 -10.47 2.30 32.62
N ALA C 158 -9.53 2.68 31.76
CA ALA C 158 -8.85 3.99 31.80
C ALA C 158 -9.81 5.07 31.26
N LYS C 159 -10.51 4.77 30.16
CA LYS C 159 -11.41 5.70 29.43
C LYS C 159 -12.59 6.07 30.33
N ALA C 160 -12.90 5.20 31.31
CA ALA C 160 -14.07 5.30 32.21
C ALA C 160 -13.74 6.09 33.48
N ILE C 161 -12.62 6.82 33.53
CA ILE C 161 -12.18 7.56 34.75
C ILE C 161 -12.38 9.05 34.51
N GLU C 162 -12.61 9.81 35.61
CA GLU C 162 -12.91 11.27 35.59
C GLU C 162 -11.80 12.03 34.85
N GLY C 163 -12.20 12.84 33.85
CA GLY C 163 -11.30 13.80 33.17
C GLY C 163 -10.68 13.24 31.89
N VAL C 164 -10.86 11.94 31.65
CA VAL C 164 -10.23 11.18 30.53
C VAL C 164 -11.16 11.25 29.30
N LYS C 165 -10.75 11.97 28.25
CA LYS C 165 -11.48 12.01 26.95
C LYS C 165 -11.32 10.66 26.25
N ASP C 166 -10.08 10.29 25.91
CA ASP C 166 -9.74 8.97 25.32
C ASP C 166 -8.54 8.37 26.08
N ALA C 167 -8.32 7.06 25.96
CA ALA C 167 -7.22 6.33 26.62
C ALA C 167 -6.81 5.10 25.79
N LEU C 168 -5.59 4.62 25.99
CA LEU C 168 -5.03 3.39 25.38
C LEU C 168 -4.07 2.76 26.39
N SER C 169 -4.35 1.53 26.85
CA SER C 169 -3.42 0.71 27.68
C SER C 169 -2.66 -0.25 26.75
N MET C 170 -1.32 -0.16 26.76
CA MET C 170 -0.43 -1.18 26.17
C MET C 170 -0.04 -2.18 27.27
N THR C 171 0.21 -3.42 26.88
CA THR C 171 0.62 -4.55 27.77
C THR C 171 2.04 -4.96 27.37
N ILE C 172 2.99 -4.85 28.29
CA ILE C 172 4.45 -5.08 28.05
C ILE C 172 4.88 -6.30 28.86
N PRO C 173 5.49 -7.33 28.23
CA PRO C 173 5.97 -8.49 28.97
C PRO C 173 7.27 -8.17 29.73
N LEU C 174 7.33 -8.52 31.02
CA LEU C 174 8.55 -8.42 31.85
C LEU C 174 8.99 -9.82 32.30
N GLY C 175 8.47 -10.90 31.70
CA GLY C 175 8.84 -12.29 32.01
C GLY C 175 8.06 -12.87 33.17
N THR C 176 8.06 -14.21 33.31
CA THR C 176 7.40 -14.98 34.40
C THR C 176 5.96 -14.49 34.62
N GLY C 177 5.25 -14.22 33.52
CA GLY C 177 3.84 -13.80 33.50
C GLY C 177 3.59 -12.43 34.10
N VAL C 178 4.64 -11.70 34.51
CA VAL C 178 4.53 -10.31 35.05
C VAL C 178 4.44 -9.35 33.86
N HIS C 179 3.63 -8.28 34.03
CA HIS C 179 3.28 -7.31 32.96
C HIS C 179 3.45 -5.88 33.47
N ARG C 180 4.00 -5.01 32.62
CA ARG C 180 3.98 -3.54 32.77
C ARG C 180 2.85 -2.97 31.92
N ARG C 181 2.11 -1.99 32.44
CA ARG C 181 1.02 -1.32 31.68
C ARG C 181 1.42 0.12 31.39
N MET C 182 1.55 0.45 30.10
CA MET C 182 1.81 1.81 29.59
C MET C 182 0.47 2.39 29.11
N VAL C 183 0.00 3.47 29.75
CA VAL C 183 -1.33 4.09 29.50
C VAL C 183 -1.12 5.48 28.91
N TYR C 184 -1.76 5.76 27.77
CA TYR C 184 -1.72 7.07 27.07
C TYR C 184 -3.14 7.65 27.07
N VAL C 185 -3.28 8.91 27.51
CA VAL C 185 -4.61 9.57 27.76
C VAL C 185 -4.65 10.96 27.12
N GLU C 186 -5.80 11.31 26.54
CA GLU C 186 -6.25 12.71 26.28
C GLU C 186 -7.12 13.11 27.48
N LEU C 187 -6.94 14.32 28.01
CA LEU C 187 -7.77 14.89 29.11
C LEU C 187 -8.92 15.70 28.52
N GLU C 188 -9.95 15.97 29.33
CA GLU C 188 -11.09 16.84 28.94
C GLU C 188 -10.73 18.28 29.33
N ALA C 189 -11.04 19.26 28.47
CA ALA C 189 -10.77 20.70 28.67
C ALA C 189 -10.85 20.98 30.18
N GLY C 190 -9.73 21.40 30.79
CA GLY C 190 -9.58 21.65 32.24
C GLY C 190 -9.87 20.42 33.09
N ALA C 191 -8.95 19.45 33.13
CA ALA C 191 -8.90 18.34 34.10
C ALA C 191 -7.47 18.22 34.62
N ASN C 192 -7.28 17.68 35.83
CA ASN C 192 -5.97 17.70 36.55
C ASN C 192 -5.23 16.38 36.25
N PHE C 193 -4.13 16.44 35.48
CA PHE C 193 -3.35 15.24 35.07
C PHE C 193 -3.04 14.39 36.30
N ASN C 194 -2.42 14.98 37.33
CA ASN C 194 -1.91 14.26 38.52
C ASN C 194 -3.01 13.43 39.17
N GLN C 195 -4.25 13.93 39.16
CA GLN C 195 -5.40 13.21 39.76
C GLN C 195 -5.78 12.01 38.88
N VAL C 196 -5.91 12.26 37.57
CA VAL C 196 -6.23 11.22 36.54
C VAL C 196 -5.17 10.11 36.61
N GLU C 197 -3.89 10.48 36.60
CA GLU C 197 -2.73 9.56 36.75
C GLU C 197 -2.92 8.70 38.00
N GLN C 198 -3.01 9.32 39.18
CA GLN C 198 -3.17 8.62 40.48
C GLN C 198 -4.41 7.72 40.46
N ALA C 199 -5.50 8.21 39.86
CA ALA C 199 -6.82 7.52 39.78
C ALA C 199 -6.66 6.22 38.98
N ILE C 200 -5.98 6.31 37.83
CA ILE C 200 -5.72 5.18 36.89
C ILE C 200 -4.85 4.13 37.61
N LYS C 201 -3.79 4.56 38.31
CA LYS C 201 -2.84 3.67 39.00
C LYS C 201 -3.53 2.96 40.18
N ALA C 202 -4.41 3.67 40.89
CA ALA C 202 -5.19 3.16 42.04
C ALA C 202 -6.33 2.23 41.60
N ASP C 203 -6.87 2.40 40.38
CA ASP C 203 -8.01 1.62 39.83
C ASP C 203 -7.68 0.13 39.93
N SER C 204 -8.70 -0.72 40.07
CA SER C 204 -8.56 -2.18 40.34
C SER C 204 -7.98 -2.91 39.11
N TYR C 205 -8.09 -2.33 37.92
CA TYR C 205 -7.57 -2.93 36.66
C TYR C 205 -6.06 -2.75 36.56
N PHE C 206 -5.45 -1.89 37.38
CA PHE C 206 -4.03 -1.45 37.25
C PHE C 206 -3.25 -1.57 38.56
N SER C 207 -3.93 -1.68 39.70
CA SER C 207 -3.32 -1.49 41.04
C SER C 207 -2.40 -2.66 41.39
N SER C 208 -2.39 -3.74 40.61
CA SER C 208 -1.54 -4.92 40.83
C SER C 208 -0.26 -4.84 39.99
N ASP C 209 -0.19 -3.93 39.03
CA ASP C 209 0.83 -3.94 37.96
C ASP C 209 1.66 -2.64 37.98
N GLU C 210 2.95 -2.74 37.63
CA GLU C 210 3.79 -1.57 37.27
C GLU C 210 3.05 -0.80 36.15
N THR C 211 2.47 0.34 36.49
CA THR C 211 1.64 1.17 35.59
C THR C 211 2.27 2.56 35.41
N HIS C 212 2.38 3.02 34.16
CA HIS C 212 2.95 4.33 33.75
C HIS C 212 1.89 5.05 32.92
N VAL C 213 1.71 6.36 33.14
CA VAL C 213 0.66 7.18 32.46
C VAL C 213 1.32 8.40 31.82
N LYS C 214 1.12 8.57 30.52
CA LYS C 214 1.60 9.72 29.74
C LYS C 214 0.38 10.39 29.09
N GLN C 215 0.32 11.72 29.11
CA GLN C 215 -0.71 12.50 28.38
C GLN C 215 -0.24 12.72 26.94
N VAL C 216 -1.15 12.71 25.96
CA VAL C 216 -0.82 12.80 24.50
C VAL C 216 -1.95 13.55 23.76
N ASP C 217 -1.69 13.99 22.52
CA ASP C 217 -2.62 14.76 21.64
C ASP C 217 -3.67 13.82 21.03
N SER C 218 -3.33 13.07 19.96
CA SER C 218 -4.19 12.03 19.30
C SER C 218 -3.80 10.65 19.89
N VAL C 219 -4.75 9.97 20.53
CA VAL C 219 -4.53 8.59 21.06
C VAL C 219 -4.64 7.58 19.92
N ASP C 220 -5.44 7.88 18.90
CA ASP C 220 -5.72 6.98 17.75
C ASP C 220 -4.41 6.71 17.00
N SER C 221 -3.53 7.69 16.88
CA SER C 221 -2.28 7.58 16.08
C SER C 221 -1.27 6.65 16.77
N LEU C 222 -1.48 6.26 18.03
CA LEU C 222 -0.62 5.27 18.74
C LEU C 222 -1.10 3.83 18.52
N LYS C 223 -2.28 3.63 17.91
CA LYS C 223 -2.93 2.28 17.84
C LYS C 223 -2.25 1.41 16.79
N ASP C 224 -1.99 0.16 17.13
CA ASP C 224 -1.52 -0.92 16.21
C ASP C 224 -2.03 -2.26 16.75
N VAL C 225 -2.63 -3.10 15.90
CA VAL C 225 -3.33 -4.35 16.31
C VAL C 225 -2.30 -5.48 16.35
N GLY C 226 -1.03 -5.16 16.14
CA GLY C 226 0.09 -6.07 16.40
C GLY C 226 0.06 -6.53 17.83
N HIS C 227 0.44 -7.77 18.07
CA HIS C 227 0.53 -8.35 19.43
C HIS C 227 1.60 -9.44 19.40
N GLY C 228 1.67 -10.27 20.43
CA GLY C 228 2.77 -11.23 20.60
C GLY C 228 2.65 -12.03 21.89
N VAL C 229 3.24 -13.21 21.89
CA VAL C 229 3.38 -14.05 23.10
C VAL C 229 4.80 -14.64 23.08
N HIS C 230 5.38 -14.81 24.26
CA HIS C 230 6.58 -15.63 24.50
C HIS C 230 6.22 -16.57 25.65
N MET C 231 5.96 -17.86 25.35
CA MET C 231 5.75 -18.94 26.36
C MET C 231 7.07 -19.66 26.61
N THR C 232 7.28 -20.10 27.86
CA THR C 232 8.45 -20.92 28.28
C THR C 232 7.98 -22.08 29.16
N HIS C 233 8.65 -23.21 29.07
CA HIS C 233 8.51 -24.35 30.02
C HIS C 233 9.91 -24.84 30.38
N LYS C 234 10.21 -24.89 31.68
CA LYS C 234 11.45 -25.53 32.22
C LYS C 234 11.00 -26.70 33.08
N GLY C 235 11.49 -27.91 32.85
CA GLY C 235 10.94 -29.07 33.57
C GLY C 235 11.55 -30.40 33.20
N VAL C 236 10.83 -31.46 33.54
CA VAL C 236 11.37 -32.84 33.69
C VAL C 236 10.66 -33.76 32.69
N SER C 237 11.44 -34.36 31.80
CA SER C 237 11.02 -35.50 30.94
C SER C 237 11.45 -36.78 31.63
N GLY C 238 10.47 -37.53 32.15
CA GLY C 238 10.70 -38.71 33.00
C GLY C 238 11.39 -38.31 34.28
N LYS C 239 12.70 -38.54 34.36
CA LYS C 239 13.50 -38.21 35.56
C LYS C 239 14.61 -37.21 35.20
N THR C 240 14.64 -36.74 33.95
CA THR C 240 15.69 -35.82 33.41
C THR C 240 15.23 -34.36 33.52
N HIS C 241 15.94 -33.55 34.31
CA HIS C 241 15.61 -32.13 34.59
C HIS C 241 16.28 -31.17 33.60
N ASN C 242 15.84 -29.91 33.65
CA ASN C 242 16.38 -28.75 32.89
C ASN C 242 16.13 -28.97 31.41
N GLN C 243 14.96 -29.54 31.06
CA GLN C 243 14.45 -29.56 29.67
C GLN C 243 13.83 -28.18 29.40
N LEU C 244 14.29 -27.50 28.35
CA LEU C 244 13.92 -26.09 28.04
C LEU C 244 13.10 -26.01 26.76
N PHE C 245 11.88 -25.47 26.85
CA PHE C 245 10.94 -25.28 25.72
C PHE C 245 10.50 -23.82 25.68
N GLU C 246 10.24 -23.31 24.48
CA GLU C 246 9.99 -21.88 24.23
C GLU C 246 9.18 -21.77 22.92
N TYR C 247 8.22 -20.84 22.88
CA TYR C 247 7.38 -20.54 21.68
C TYR C 247 7.11 -19.04 21.67
N SER C 248 7.33 -18.39 20.52
CA SER C 248 7.16 -16.94 20.30
C SER C 248 6.42 -16.69 19.01
N MET C 249 5.63 -15.63 18.96
CA MET C 249 5.06 -15.10 17.70
C MET C 249 4.89 -13.59 17.81
N ARG C 250 5.09 -12.90 16.69
CA ARG C 250 4.75 -11.48 16.48
C ARG C 250 3.73 -11.47 15.35
N ILE C 251 2.50 -11.08 15.64
CA ILE C 251 1.31 -11.39 14.79
C ILE C 251 0.35 -10.21 14.81
N ASN C 252 -0.50 -10.16 13.79
CA ASN C 252 -1.70 -9.30 13.74
C ASN C 252 -2.78 -10.00 14.58
N ASN C 253 -3.24 -9.36 15.65
CA ASN C 253 -4.14 -9.96 16.68
C ASN C 253 -5.42 -10.48 16.02
N PRO C 254 -6.33 -9.61 15.54
CA PRO C 254 -7.59 -10.07 14.96
C PRO C 254 -7.43 -11.00 13.74
N ALA C 255 -6.40 -10.78 12.92
CA ALA C 255 -6.06 -11.64 11.76
C ALA C 255 -5.95 -13.09 12.21
N LEU C 256 -5.20 -13.33 13.29
CA LEU C 256 -4.92 -14.68 13.84
C LEU C 256 -6.17 -15.21 14.52
N THR C 257 -6.75 -14.45 15.46
CA THR C 257 -7.99 -14.86 16.18
C THR C 257 -9.01 -15.42 15.16
N SER C 258 -9.30 -14.65 14.11
CA SER C 258 -10.32 -14.98 13.07
C SER C 258 -9.89 -16.23 12.28
N GLN C 259 -8.61 -16.33 11.92
CA GLN C 259 -8.10 -17.43 11.08
C GLN C 259 -8.20 -18.75 11.85
N PHE C 260 -7.97 -18.71 13.17
CA PHE C 260 -8.00 -19.94 14.01
C PHE C 260 -9.45 -20.36 14.21
N MET C 261 -10.38 -19.40 14.26
CA MET C 261 -11.84 -19.67 14.35
C MET C 261 -12.26 -20.43 13.07
N VAL C 262 -11.79 -19.99 11.90
CA VAL C 262 -12.08 -20.65 10.60
C VAL C 262 -11.53 -22.08 10.64
N SER C 263 -10.34 -22.28 11.19
CA SER C 263 -9.71 -23.63 11.34
C SER C 263 -10.58 -24.47 12.29
N ALA C 264 -11.04 -23.89 13.40
CA ALA C 264 -11.90 -24.58 14.39
C ALA C 264 -13.21 -25.00 13.73
N ALA C 265 -13.79 -24.13 12.89
CA ALA C 265 -15.05 -24.38 12.16
C ALA C 265 -14.85 -25.62 11.28
N ARG C 266 -13.77 -25.63 10.49
CA ARG C 266 -13.41 -26.80 9.65
C ARG C 266 -13.42 -28.06 10.51
N ALA C 267 -12.75 -28.01 11.66
CA ALA C 267 -12.61 -29.14 12.61
C ALA C 267 -13.98 -29.52 13.19
N SER C 268 -14.84 -28.55 13.49
CA SER C 268 -16.16 -28.77 14.13
C SER C 268 -16.96 -29.79 13.32
N MET C 269 -16.77 -29.83 12.00
CA MET C 269 -17.54 -30.70 11.06
C MET C 269 -17.20 -32.17 11.25
N LYS C 270 -16.14 -32.50 11.98
CA LYS C 270 -15.60 -33.89 12.08
C LYS C 270 -15.76 -34.48 13.48
N GLN C 271 -16.27 -33.75 14.47
CA GLN C 271 -16.35 -34.23 15.88
C GLN C 271 -17.75 -34.81 16.16
N ARG C 272 -17.86 -35.71 17.12
CA ARG C 272 -19.15 -36.22 17.65
C ARG C 272 -19.83 -35.04 18.34
N ALA C 273 -21.15 -35.06 18.44
CA ALA C 273 -21.94 -33.95 19.00
C ALA C 273 -21.46 -33.63 20.42
N GLY C 274 -21.38 -32.33 20.73
CA GLY C 274 -20.98 -31.80 22.05
C GLY C 274 -20.17 -30.52 21.91
N ALA C 275 -19.72 -29.98 23.04
CA ALA C 275 -18.88 -28.77 23.13
C ALA C 275 -17.45 -29.19 23.43
N TYR C 276 -16.47 -28.50 22.84
CA TYR C 276 -15.02 -28.78 22.96
C TYR C 276 -14.22 -27.49 23.13
N THR C 277 -13.20 -27.54 24.00
CA THR C 277 -12.02 -26.65 23.96
C THR C 277 -11.11 -27.19 22.85
N VAL C 278 -10.17 -26.39 22.37
CA VAL C 278 -9.32 -26.75 21.19
C VAL C 278 -8.27 -27.79 21.58
N ILE C 279 -8.08 -28.05 22.89
CA ILE C 279 -7.09 -29.07 23.36
C ILE C 279 -7.77 -30.45 23.31
N GLU C 280 -9.05 -30.50 22.94
CA GLU C 280 -9.84 -31.76 22.86
C GLU C 280 -10.08 -32.17 21.40
N ILE C 281 -9.52 -31.42 20.44
CA ILE C 281 -9.67 -31.68 18.99
C ILE C 281 -8.33 -32.19 18.47
N PRO C 282 -8.32 -33.27 17.65
CA PRO C 282 -7.13 -33.65 16.89
C PRO C 282 -6.58 -32.50 16.04
N PRO C 283 -5.30 -32.10 16.22
CA PRO C 283 -4.74 -30.96 15.50
C PRO C 283 -4.99 -30.95 13.98
N VAL C 284 -4.95 -32.12 13.34
CA VAL C 284 -5.01 -32.24 11.87
C VAL C 284 -6.44 -31.92 11.40
N ASP C 285 -7.42 -32.05 12.28
CA ASP C 285 -8.86 -31.76 11.98
C ASP C 285 -9.02 -30.27 11.64
N PHE C 286 -8.13 -29.42 12.15
CA PHE C 286 -8.11 -27.95 11.88
C PHE C 286 -7.72 -27.65 10.44
N LEU C 287 -7.07 -28.57 9.74
CA LEU C 287 -6.45 -28.31 8.42
C LEU C 287 -7.35 -28.78 7.29
N ALA C 288 -7.24 -28.13 6.13
CA ALA C 288 -7.82 -28.55 4.85
C ALA C 288 -6.84 -29.49 4.14
N GLY C 289 -7.36 -30.38 3.28
CA GLY C 289 -6.53 -31.26 2.42
C GLY C 289 -6.73 -32.73 2.72
N ASP C 290 -6.10 -33.59 1.92
CA ASP C 290 -6.15 -35.07 2.03
C ASP C 290 -5.34 -35.49 3.27
N LEU C 291 -5.96 -36.24 4.19
CA LEU C 291 -5.32 -36.74 5.42
C LEU C 291 -3.93 -37.30 5.11
N ASN C 292 -3.78 -38.12 4.07
CA ASN C 292 -2.49 -38.81 3.79
C ASN C 292 -1.42 -37.83 3.31
N THR C 293 -1.78 -36.81 2.52
CA THR C 293 -0.82 -35.76 2.05
C THR C 293 -0.36 -34.95 3.25
N LEU C 294 -1.28 -34.66 4.17
CA LEU C 294 -1.04 -33.82 5.36
C LEU C 294 -0.10 -34.58 6.31
N ILE C 295 -0.34 -35.86 6.51
CA ILE C 295 0.53 -36.73 7.36
C ILE C 295 1.94 -36.77 6.75
N ALA C 296 2.03 -37.01 5.45
CA ALA C 296 3.31 -37.08 4.69
C ALA C 296 4.08 -35.79 4.87
N LYS C 297 3.37 -34.66 4.92
CA LYS C 297 3.95 -33.30 4.92
C LYS C 297 4.38 -32.91 6.34
N LEU C 298 3.66 -33.32 7.36
CA LEU C 298 3.73 -32.72 8.71
C LEU C 298 4.41 -33.68 9.71
N VAL C 299 4.09 -34.96 9.68
CA VAL C 299 4.46 -35.87 10.80
C VAL C 299 5.94 -36.22 10.66
N THR D 3 -1.41 -2.69 -27.04
CA THR D 3 -1.78 -3.04 -28.46
C THR D 3 -3.28 -3.40 -28.53
N LYS D 4 -4.08 -2.96 -27.55
CA LYS D 4 -5.54 -3.16 -27.45
C LYS D 4 -6.24 -1.95 -28.08
N ILE D 5 -7.24 -2.14 -28.92
CA ILE D 5 -7.96 -1.02 -29.61
C ILE D 5 -8.96 -0.39 -28.62
N LYS D 6 -8.83 0.91 -28.34
CA LYS D 6 -9.60 1.63 -27.29
C LYS D 6 -10.81 2.31 -27.90
N VAL D 7 -12.01 1.84 -27.54
CA VAL D 7 -13.28 2.19 -28.24
C VAL D 7 -14.28 2.82 -27.26
N ALA D 8 -14.95 3.87 -27.73
CA ALA D 8 -16.08 4.57 -27.07
C ALA D 8 -17.33 4.31 -27.90
N ILE D 9 -18.46 4.02 -27.24
CA ILE D 9 -19.80 3.95 -27.90
C ILE D 9 -20.50 5.30 -27.71
N VAL D 10 -20.73 6.04 -28.80
CA VAL D 10 -21.37 7.40 -28.77
C VAL D 10 -22.80 7.28 -29.29
N GLY D 11 -23.77 7.68 -28.45
CA GLY D 11 -25.19 7.34 -28.64
C GLY D 11 -25.45 5.92 -28.16
N TYR D 12 -26.66 5.64 -27.68
CA TYR D 12 -27.05 4.29 -27.18
C TYR D 12 -28.51 4.01 -27.56
N GLY D 13 -28.83 4.05 -28.84
CA GLY D 13 -30.14 3.65 -29.38
C GLY D 13 -30.32 2.13 -29.41
N ASN D 14 -30.88 1.63 -30.51
CA ASN D 14 -31.30 0.23 -30.62
C ASN D 14 -30.02 -0.61 -30.71
N ILE D 15 -29.10 -0.21 -31.59
CA ILE D 15 -27.83 -0.96 -31.87
C ILE D 15 -26.85 -0.71 -30.71
N GLY D 16 -27.06 0.35 -29.93
CA GLY D 16 -26.22 0.71 -28.77
C GLY D 16 -25.92 -0.51 -27.90
N ARG D 17 -26.97 -1.20 -27.43
CA ARG D 17 -26.79 -2.32 -26.48
C ARG D 17 -25.94 -3.41 -27.15
N PHE D 18 -26.16 -3.63 -28.44
CA PHE D 18 -25.55 -4.76 -29.20
C PHE D 18 -24.08 -4.43 -29.47
N ALA D 19 -23.76 -3.16 -29.79
CA ALA D 19 -22.38 -2.63 -29.92
C ALA D 19 -21.60 -2.89 -28.63
N LEU D 20 -22.24 -2.68 -27.48
CA LEU D 20 -21.66 -2.99 -26.14
C LEU D 20 -21.24 -4.46 -26.11
N GLU D 21 -22.12 -5.35 -26.55
CA GLU D 21 -21.88 -6.82 -26.54
C GLU D 21 -20.73 -7.15 -27.49
N ALA D 22 -20.68 -6.54 -28.67
CA ALA D 22 -19.71 -6.84 -29.75
C ALA D 22 -18.31 -6.43 -29.32
N VAL D 23 -18.21 -5.28 -28.66
CA VAL D 23 -16.95 -4.74 -28.07
C VAL D 23 -16.49 -5.68 -26.97
N GLN D 24 -17.34 -5.91 -25.97
CA GLN D 24 -17.06 -6.81 -24.82
C GLN D 24 -16.55 -8.16 -25.34
N ALA D 25 -17.12 -8.68 -26.43
CA ALA D 25 -16.83 -10.03 -26.96
C ALA D 25 -15.45 -10.10 -27.64
N ALA D 26 -14.90 -8.96 -28.08
CA ALA D 26 -13.64 -8.87 -28.85
C ALA D 26 -12.43 -8.69 -27.92
N GLN D 27 -11.64 -9.75 -27.71
CA GLN D 27 -10.39 -9.72 -26.88
C GLN D 27 -9.47 -8.58 -27.34
N ASP D 28 -9.52 -8.15 -28.59
CA ASP D 28 -8.54 -7.18 -29.12
C ASP D 28 -9.02 -5.73 -28.88
N PHE D 29 -10.19 -5.56 -28.25
CA PHE D 29 -10.79 -4.24 -27.92
C PHE D 29 -10.85 -4.04 -26.41
N GLU D 30 -10.84 -2.77 -25.99
CA GLU D 30 -10.98 -2.32 -24.58
C GLU D 30 -12.06 -1.24 -24.59
N LEU D 31 -13.17 -1.46 -23.87
CA LEU D 31 -14.29 -0.50 -23.79
C LEU D 31 -13.90 0.62 -22.84
N VAL D 32 -13.69 1.83 -23.33
CA VAL D 32 -13.16 2.93 -22.46
C VAL D 32 -14.40 3.72 -21.96
N GLY D 33 -15.59 3.55 -22.56
CA GLY D 33 -16.87 4.00 -21.96
C GLY D 33 -18.00 4.23 -22.95
N VAL D 34 -19.16 4.68 -22.47
CA VAL D 34 -20.36 5.03 -23.30
C VAL D 34 -20.69 6.52 -23.10
N VAL D 35 -20.85 7.26 -24.21
CA VAL D 35 -21.21 8.70 -24.26
C VAL D 35 -22.71 8.79 -24.61
N ARG D 36 -23.44 9.71 -23.99
CA ARG D 36 -24.88 9.95 -24.30
C ARG D 36 -25.37 11.24 -23.64
N ARG D 37 -26.50 11.77 -24.12
CA ARG D 37 -27.16 13.03 -23.65
C ARG D 37 -27.68 12.79 -22.22
N ASP D 38 -28.48 11.75 -21.96
CA ASP D 38 -29.06 11.49 -20.61
C ASP D 38 -28.25 10.39 -19.92
N ILE D 39 -27.38 10.77 -18.99
CA ILE D 39 -26.43 9.86 -18.30
C ILE D 39 -27.13 9.15 -17.13
N ASN D 40 -28.37 9.52 -16.81
CA ASN D 40 -29.11 9.01 -15.62
C ASN D 40 -29.99 7.82 -16.03
N ASN D 41 -30.45 7.82 -17.29
CA ASN D 41 -30.94 6.58 -17.96
C ASN D 41 -29.78 5.59 -18.04
N VAL D 42 -29.74 4.62 -17.12
CA VAL D 42 -28.65 3.60 -17.01
C VAL D 42 -29.31 2.22 -16.93
N PRO D 43 -29.65 1.62 -18.10
CA PRO D 43 -30.29 0.30 -18.12
C PRO D 43 -29.36 -0.80 -17.57
N GLU D 44 -29.94 -2.00 -17.41
CA GLU D 44 -29.33 -3.16 -16.69
C GLU D 44 -27.83 -3.26 -17.01
N GLU D 45 -27.47 -3.29 -18.30
CA GLU D 45 -26.14 -3.70 -18.83
C GLU D 45 -25.08 -2.60 -18.63
N LEU D 46 -25.49 -1.37 -18.29
CA LEU D 46 -24.59 -0.20 -18.08
C LEU D 46 -24.44 0.12 -16.59
N GLN D 47 -24.88 -0.78 -15.70
CA GLN D 47 -24.72 -0.63 -14.23
C GLN D 47 -23.22 -0.47 -13.92
N ASN D 48 -22.34 -1.14 -14.65
CA ASN D 48 -20.90 -1.25 -14.28
C ASN D 48 -20.02 -0.56 -15.34
N ILE D 49 -20.63 0.13 -16.30
CA ILE D 49 -19.90 0.78 -17.43
C ILE D 49 -19.84 2.29 -17.16
N THR D 50 -18.67 2.89 -17.36
CA THR D 50 -18.48 4.37 -17.39
C THR D 50 -19.45 4.97 -18.40
N VAL D 51 -20.29 5.93 -17.97
CA VAL D 51 -21.27 6.66 -18.83
C VAL D 51 -21.04 8.15 -18.60
N THR D 52 -20.55 8.86 -19.60
CA THR D 52 -20.26 10.31 -19.56
C THR D 52 -21.13 10.98 -20.62
N ASN D 53 -21.24 12.31 -20.58
CA ASN D 53 -21.90 13.12 -21.63
C ASN D 53 -20.82 13.87 -22.42
N ASP D 54 -19.55 13.48 -22.27
CA ASP D 54 -18.37 14.18 -22.85
C ASP D 54 -17.24 13.18 -23.05
N ILE D 55 -16.86 12.94 -24.31
CA ILE D 55 -15.93 11.84 -24.68
C ILE D 55 -14.54 12.12 -24.09
N LYS D 56 -14.21 13.38 -23.86
CA LYS D 56 -12.88 13.82 -23.35
C LYS D 56 -12.63 13.21 -21.96
N THR D 57 -13.67 12.89 -21.17
CA THR D 57 -13.52 12.34 -19.80
C THR D 57 -13.01 10.89 -19.86
N LEU D 58 -13.07 10.23 -21.02
CA LEU D 58 -12.68 8.80 -21.17
C LEU D 58 -11.17 8.65 -21.47
N GLY D 59 -10.42 9.74 -21.52
CA GLY D 59 -8.96 9.72 -21.78
C GLY D 59 -8.66 9.35 -23.22
N ASP D 60 -7.66 8.50 -23.43
CA ASP D 60 -7.23 8.07 -24.79
C ASP D 60 -8.23 7.09 -25.38
N VAL D 61 -8.75 7.44 -26.56
CA VAL D 61 -9.75 6.66 -27.34
C VAL D 61 -9.26 6.59 -28.79
N ASP D 62 -9.00 5.38 -29.30
CA ASP D 62 -8.57 5.15 -30.69
C ASP D 62 -9.77 5.40 -31.64
N VAL D 63 -10.94 4.86 -31.32
CA VAL D 63 -12.10 4.89 -32.26
C VAL D 63 -13.43 4.97 -31.51
N ALA D 64 -14.43 5.59 -32.14
CA ALA D 64 -15.81 5.79 -31.64
C ALA D 64 -16.82 5.08 -32.55
N LEU D 65 -17.66 4.22 -31.97
CA LEU D 65 -18.82 3.63 -32.66
C LEU D 65 -19.99 4.60 -32.50
N LEU D 66 -20.34 5.33 -33.56
CA LEU D 66 -21.50 6.26 -33.57
C LEU D 66 -22.79 5.45 -33.70
N CYS D 67 -23.56 5.39 -32.62
CA CYS D 67 -24.88 4.71 -32.55
C CYS D 67 -25.97 5.75 -32.33
N SER D 68 -25.84 6.91 -32.98
CA SER D 68 -26.78 8.04 -32.91
C SER D 68 -27.82 7.91 -34.00
N PRO D 69 -28.90 8.72 -33.97
CA PRO D 69 -29.84 8.78 -35.09
C PRO D 69 -29.15 9.18 -36.39
N THR D 70 -29.75 8.84 -37.53
CA THR D 70 -29.19 9.07 -38.89
C THR D 70 -28.87 10.57 -39.06
N ARG D 71 -29.80 11.47 -38.71
CA ARG D 71 -29.67 12.94 -38.93
C ARG D 71 -28.47 13.52 -38.15
N ALA D 72 -28.02 12.87 -37.08
CA ALA D 72 -26.97 13.36 -36.15
C ALA D 72 -25.56 12.94 -36.57
N ILE D 73 -25.42 11.89 -37.41
CA ILE D 73 -24.12 11.19 -37.68
C ILE D 73 -23.12 12.18 -38.26
N LYS D 74 -23.52 13.02 -39.21
CA LYS D 74 -22.56 13.91 -39.94
C LYS D 74 -21.83 14.82 -38.95
N GLU D 75 -22.57 15.64 -38.18
CA GLU D 75 -22.00 16.69 -37.30
C GLU D 75 -21.21 16.02 -36.16
N LEU D 76 -21.68 14.85 -35.72
CA LEU D 76 -21.12 14.05 -34.61
C LEU D 76 -19.76 13.46 -35.01
N ALA D 77 -19.66 12.94 -36.23
CA ALA D 77 -18.41 12.36 -36.78
C ALA D 77 -17.37 13.48 -36.94
N LYS D 78 -17.77 14.60 -37.55
CA LYS D 78 -16.90 15.80 -37.73
C LYS D 78 -16.22 16.16 -36.39
N SER D 79 -16.99 16.25 -35.30
CA SER D 79 -16.51 16.72 -33.98
C SER D 79 -15.59 15.68 -33.32
N ILE D 80 -15.85 14.39 -33.50
CA ILE D 80 -15.04 13.32 -32.84
C ILE D 80 -13.74 13.10 -33.62
N LEU D 81 -13.78 13.16 -34.96
CA LEU D 81 -12.59 13.17 -35.82
C LEU D 81 -11.68 14.32 -35.38
N SER D 82 -12.29 15.47 -35.08
CA SER D 82 -11.63 16.75 -34.72
C SER D 82 -10.92 16.64 -33.36
N LEU D 83 -11.31 15.70 -32.51
CA LEU D 83 -10.57 15.39 -31.26
C LEU D 83 -9.48 14.35 -31.51
N GLY D 84 -9.22 13.98 -32.77
CA GLY D 84 -8.19 12.98 -33.13
C GLY D 84 -8.61 11.56 -32.79
N ILE D 85 -9.90 11.24 -32.98
CA ILE D 85 -10.47 9.88 -32.78
C ILE D 85 -11.07 9.41 -34.11
N ASN D 86 -10.99 8.11 -34.40
CA ASN D 86 -11.60 7.48 -35.60
C ASN D 86 -13.11 7.33 -35.38
N THR D 87 -13.89 7.35 -36.45
CA THR D 87 -15.36 7.11 -36.40
C THR D 87 -15.71 5.88 -37.26
N VAL D 88 -16.62 5.06 -36.75
CA VAL D 88 -17.37 4.05 -37.54
C VAL D 88 -18.85 4.35 -37.35
N ASP D 89 -19.63 4.30 -38.42
CA ASP D 89 -21.11 4.51 -38.37
C ASP D 89 -21.79 3.53 -39.32
N SER D 90 -23.10 3.31 -39.15
CA SER D 90 -23.94 2.48 -40.03
C SER D 90 -24.89 3.38 -40.82
N PHE D 91 -24.47 4.63 -41.10
CA PHE D 91 -25.25 5.66 -41.86
C PHE D 91 -25.97 4.97 -43.01
N ASP D 92 -27.30 4.96 -42.99
CA ASP D 92 -28.12 3.99 -43.79
C ASP D 92 -28.84 4.63 -44.98
N VAL D 93 -28.48 5.84 -45.40
CA VAL D 93 -29.19 6.55 -46.51
C VAL D 93 -28.30 6.53 -47.76
N HIS D 94 -28.55 5.56 -48.65
CA HIS D 94 -27.68 5.23 -49.81
C HIS D 94 -27.46 6.48 -50.66
N SER D 95 -28.52 7.18 -51.06
CA SER D 95 -28.48 8.39 -51.93
C SER D 95 -27.48 9.44 -51.39
N GLU D 96 -27.14 9.43 -50.10
CA GLU D 96 -26.31 10.49 -49.44
C GLU D 96 -24.92 9.97 -49.04
N ILE D 97 -24.55 8.74 -49.37
CA ILE D 97 -23.28 8.12 -48.89
C ILE D 97 -22.11 8.81 -49.55
N VAL D 98 -22.16 9.03 -50.88
CA VAL D 98 -21.05 9.69 -51.63
C VAL D 98 -20.77 11.06 -50.99
N SER D 99 -21.82 11.81 -50.69
CA SER D 99 -21.77 13.17 -50.11
C SER D 99 -21.19 13.13 -48.70
N LEU D 100 -21.61 12.15 -47.89
CA LEU D 100 -21.13 12.03 -46.48
C LEU D 100 -19.63 11.68 -46.49
N LYS D 101 -19.20 10.83 -47.43
CA LYS D 101 -17.81 10.33 -47.49
C LYS D 101 -16.86 11.52 -47.61
N THR D 102 -17.19 12.47 -48.48
CA THR D 102 -16.27 13.55 -48.89
C THR D 102 -16.31 14.69 -47.87
N GLU D 103 -17.43 14.87 -47.18
CA GLU D 103 -17.53 15.81 -46.02
C GLU D 103 -16.63 15.29 -44.89
N LEU D 104 -16.61 13.98 -44.63
CA LEU D 104 -15.83 13.37 -43.54
C LEU D 104 -14.35 13.18 -43.95
N ASP D 105 -14.09 13.02 -45.25
CA ASP D 105 -12.70 12.85 -45.79
C ASP D 105 -11.88 14.11 -45.46
N ASP D 106 -12.40 15.30 -45.82
CA ASP D 106 -11.82 16.64 -45.55
C ASP D 106 -11.31 16.67 -44.10
N VAL D 107 -12.21 16.43 -43.15
CA VAL D 107 -11.99 16.51 -41.68
C VAL D 107 -11.04 15.39 -41.23
N ALA D 108 -11.28 14.16 -41.68
CA ALA D 108 -10.47 12.98 -41.28
C ALA D 108 -8.99 13.23 -41.64
N LYS D 109 -8.75 13.74 -42.85
CA LYS D 109 -7.40 14.04 -43.39
C LYS D 109 -6.74 15.17 -42.60
N LYS D 110 -7.49 16.24 -42.29
CA LYS D 110 -6.96 17.41 -41.54
C LYS D 110 -6.37 16.93 -40.21
N HIS D 111 -7.05 16.04 -39.46
CA HIS D 111 -6.66 15.61 -38.10
C HIS D 111 -5.96 14.24 -38.12
N ASP D 112 -5.63 13.74 -39.32
CA ASP D 112 -4.84 12.50 -39.54
C ASP D 112 -5.54 11.29 -38.91
N ARG D 113 -6.84 11.14 -39.14
CA ARG D 113 -7.68 10.03 -38.60
C ARG D 113 -8.45 9.35 -39.73
N VAL D 114 -9.17 8.28 -39.39
CA VAL D 114 -9.95 7.46 -40.36
C VAL D 114 -11.42 7.46 -39.94
N ALA D 115 -12.29 7.62 -40.93
CA ALA D 115 -13.75 7.45 -40.83
C ALA D 115 -14.15 6.29 -41.74
N VAL D 116 -14.71 5.22 -41.17
CA VAL D 116 -15.42 4.18 -41.96
C VAL D 116 -16.91 4.47 -41.81
N ILE D 117 -17.61 4.62 -42.94
CA ILE D 117 -19.04 5.05 -42.99
C ILE D 117 -19.87 3.93 -43.58
N SER D 118 -21.16 3.91 -43.24
CA SER D 118 -22.17 2.99 -43.82
C SER D 118 -21.66 1.54 -43.68
N ALA D 119 -21.29 1.17 -42.46
CA ALA D 119 -20.69 -0.13 -42.09
C ALA D 119 -21.67 -0.93 -41.21
N GLY D 120 -22.93 -1.05 -41.67
CA GLY D 120 -23.91 -2.02 -41.16
C GLY D 120 -23.90 -3.27 -42.01
N TRP D 121 -25.08 -3.81 -42.35
CA TRP D 121 -25.20 -4.94 -43.32
C TRP D 121 -25.78 -4.46 -44.66
N ASP D 122 -26.55 -3.37 -44.70
CA ASP D 122 -27.01 -2.76 -45.99
C ASP D 122 -27.46 -1.32 -45.78
N PRO D 123 -26.59 -0.32 -45.97
CA PRO D 123 -25.23 -0.51 -46.48
C PRO D 123 -24.21 -1.12 -45.49
N GLY D 124 -23.22 -1.82 -46.04
CA GLY D 124 -22.19 -2.57 -45.30
C GLY D 124 -21.84 -3.89 -45.99
N SER D 125 -21.92 -5.02 -45.26
CA SER D 125 -21.74 -6.40 -45.75
C SER D 125 -22.24 -6.53 -47.18
N ASP D 126 -23.54 -6.32 -47.36
CA ASP D 126 -24.22 -6.57 -48.66
C ASP D 126 -23.47 -5.79 -49.75
N SER D 127 -23.02 -4.58 -49.44
CA SER D 127 -22.30 -3.69 -50.38
C SER D 127 -21.09 -4.43 -50.99
N ILE D 128 -20.29 -5.10 -50.14
CA ILE D 128 -19.11 -5.90 -50.56
C ILE D 128 -19.56 -7.06 -51.47
N VAL D 129 -20.61 -7.80 -51.09
CA VAL D 129 -21.13 -8.97 -51.87
C VAL D 129 -21.62 -8.45 -53.23
N ARG D 130 -22.27 -7.28 -53.27
CA ARG D 130 -22.77 -6.68 -54.56
C ARG D 130 -21.56 -6.35 -55.44
N THR D 131 -20.47 -5.89 -54.83
CA THR D 131 -19.21 -5.50 -55.51
C THR D 131 -18.51 -6.75 -56.05
N LEU D 132 -18.48 -7.81 -55.25
CA LEU D 132 -17.88 -9.12 -55.65
C LEU D 132 -18.64 -9.64 -56.86
N MET D 133 -19.95 -9.42 -56.90
CA MET D 133 -20.78 -10.01 -57.98
C MET D 133 -20.40 -9.40 -59.33
N LEU D 134 -20.00 -8.13 -59.36
CA LEU D 134 -19.55 -7.44 -60.60
C LEU D 134 -18.10 -7.82 -60.91
N ALA D 135 -17.30 -8.16 -59.90
CA ALA D 135 -15.91 -8.64 -60.08
C ALA D 135 -15.93 -10.01 -60.78
N MET D 136 -16.97 -10.80 -60.51
CA MET D 136 -17.14 -12.18 -61.02
C MET D 136 -17.89 -12.20 -62.35
N ALA D 137 -18.75 -11.21 -62.59
CA ALA D 137 -19.68 -11.16 -63.75
C ALA D 137 -20.15 -9.73 -63.95
N PRO D 138 -19.32 -8.85 -64.56
CA PRO D 138 -19.62 -7.42 -64.66
C PRO D 138 -20.96 -7.10 -65.35
N LYS D 139 -21.31 -7.84 -66.40
CA LYS D 139 -22.60 -7.65 -67.12
C LYS D 139 -23.66 -8.57 -66.49
N GLY D 140 -24.92 -8.11 -66.50
CA GLY D 140 -26.09 -8.80 -65.95
C GLY D 140 -26.77 -7.96 -64.89
N ILE D 141 -27.74 -8.54 -64.17
CA ILE D 141 -28.59 -7.83 -63.17
C ILE D 141 -28.35 -8.41 -61.77
N THR D 142 -28.24 -7.52 -60.76
CA THR D 142 -28.23 -7.86 -59.31
C THR D 142 -29.53 -7.38 -58.69
N TYR D 143 -30.16 -8.19 -57.83
CA TYR D 143 -31.35 -7.79 -57.03
C TYR D 143 -31.05 -8.02 -55.55
N THR D 144 -31.53 -7.12 -54.69
CA THR D 144 -31.37 -7.22 -53.22
C THR D 144 -32.77 -7.26 -52.58
N ASN D 145 -33.12 -8.42 -52.00
CA ASN D 145 -34.46 -8.70 -51.43
C ASN D 145 -34.40 -8.71 -49.91
N PHE D 146 -35.16 -7.83 -49.26
CA PHE D 146 -35.08 -7.57 -47.79
C PHE D 146 -36.25 -8.23 -47.07
N GLY D 147 -35.95 -8.82 -45.91
CA GLY D 147 -36.95 -9.33 -44.94
C GLY D 147 -37.11 -10.85 -45.02
N PRO D 148 -38.14 -11.40 -44.35
CA PRO D 148 -39.10 -10.62 -43.59
C PRO D 148 -38.45 -9.95 -42.37
N GLY D 149 -38.77 -8.68 -42.11
CA GLY D 149 -38.18 -7.89 -41.02
C GLY D 149 -38.97 -6.62 -40.72
N MET D 150 -38.76 -6.04 -39.55
CA MET D 150 -39.42 -4.76 -39.16
C MET D 150 -38.81 -3.62 -39.98
N SER D 151 -39.61 -2.62 -40.31
CA SER D 151 -39.20 -1.37 -41.01
C SER D 151 -39.50 -0.15 -40.12
N MET D 152 -38.48 0.38 -39.46
CA MET D 152 -38.61 1.53 -38.50
C MET D 152 -39.18 2.75 -39.26
N GLY D 153 -38.62 3.07 -40.43
CA GLY D 153 -39.08 4.21 -41.26
C GLY D 153 -40.57 4.15 -41.53
N HIS D 154 -41.06 3.02 -42.07
CA HIS D 154 -42.48 2.79 -42.45
C HIS D 154 -43.37 2.64 -41.21
N SER D 155 -42.85 2.05 -40.13
CA SER D 155 -43.54 1.98 -38.82
C SER D 155 -43.90 3.39 -38.37
N VAL D 156 -42.93 4.31 -38.42
CA VAL D 156 -43.07 5.74 -38.00
C VAL D 156 -44.12 6.43 -38.89
N ALA D 157 -44.04 6.25 -40.20
CA ALA D 157 -44.96 6.84 -41.20
C ALA D 157 -46.40 6.40 -40.91
N ALA D 158 -46.60 5.16 -40.45
CA ALA D 158 -47.93 4.61 -40.12
C ALA D 158 -48.40 5.20 -38.79
N LYS D 159 -47.49 5.27 -37.79
CA LYS D 159 -47.75 5.74 -36.40
C LYS D 159 -48.18 7.21 -36.44
N ALA D 160 -47.76 7.94 -37.47
CA ALA D 160 -47.93 9.40 -37.65
C ALA D 160 -49.22 9.72 -38.40
N ILE D 161 -50.17 8.78 -38.52
CA ILE D 161 -51.44 9.00 -39.29
C ILE D 161 -52.60 9.11 -38.31
N GLU D 162 -53.67 9.84 -38.69
CA GLU D 162 -54.89 10.11 -37.88
C GLU D 162 -55.49 8.78 -37.39
N GLY D 163 -55.70 8.63 -36.07
CA GLY D 163 -56.47 7.53 -35.46
C GLY D 163 -55.59 6.38 -35.00
N VAL D 164 -54.30 6.42 -35.34
CA VAL D 164 -53.31 5.34 -35.11
C VAL D 164 -52.63 5.57 -33.76
N LYS D 165 -52.92 4.74 -32.75
CA LYS D 165 -52.22 4.77 -31.44
C LYS D 165 -50.78 4.28 -31.64
N ASP D 166 -50.61 3.01 -32.04
CA ASP D 166 -49.30 2.38 -32.34
C ASP D 166 -49.41 1.68 -33.71
N ALA D 167 -48.27 1.39 -34.35
CA ALA D 167 -48.19 0.72 -35.66
C ALA D 167 -46.87 -0.04 -35.81
N LEU D 168 -46.84 -1.04 -36.69
CA LEU D 168 -45.64 -1.83 -37.07
C LEU D 168 -45.75 -2.20 -38.55
N SER D 169 -44.83 -1.74 -39.40
CA SER D 169 -44.70 -2.16 -40.81
C SER D 169 -43.67 -3.29 -40.90
N MET D 170 -44.08 -4.45 -41.41
CA MET D 170 -43.16 -5.55 -41.82
C MET D 170 -42.85 -5.35 -43.30
N THR D 171 -41.65 -5.77 -43.70
CA THR D 171 -41.14 -5.72 -45.09
C THR D 171 -40.97 -7.16 -45.58
N ILE D 172 -41.71 -7.52 -46.63
CA ILE D 172 -41.77 -8.92 -47.15
C ILE D 172 -41.13 -8.92 -48.54
N PRO D 173 -40.13 -9.76 -48.80
CA PRO D 173 -39.55 -9.86 -50.15
C PRO D 173 -40.47 -10.64 -51.10
N LEU D 174 -40.71 -10.08 -52.28
CA LEU D 174 -41.44 -10.76 -53.39
C LEU D 174 -40.51 -10.99 -54.58
N GLY D 175 -39.18 -10.84 -54.42
CA GLY D 175 -38.18 -11.03 -55.49
C GLY D 175 -37.97 -9.78 -56.35
N THR D 176 -36.89 -9.76 -57.13
CA THR D 176 -36.53 -8.66 -58.07
C THR D 176 -36.69 -7.28 -57.41
N GLY D 177 -36.27 -7.18 -56.15
CA GLY D 177 -36.27 -5.94 -55.35
C GLY D 177 -37.66 -5.41 -55.03
N VAL D 178 -38.73 -6.13 -55.42
CA VAL D 178 -40.15 -5.77 -55.11
C VAL D 178 -40.46 -6.22 -53.69
N HIS D 179 -41.26 -5.40 -52.97
CA HIS D 179 -41.57 -5.57 -51.53
C HIS D 179 -43.08 -5.45 -51.29
N ARG D 180 -43.61 -6.32 -50.46
CA ARG D 180 -44.97 -6.22 -49.87
C ARG D 180 -44.83 -5.63 -48.47
N ARG D 181 -45.72 -4.72 -48.08
CA ARG D 181 -45.71 -4.12 -46.71
C ARG D 181 -46.96 -4.59 -45.94
N MET D 182 -46.73 -5.34 -44.86
CA MET D 182 -47.78 -5.81 -43.92
C MET D 182 -47.74 -4.89 -42.70
N VAL D 183 -48.84 -4.14 -42.46
CA VAL D 183 -48.92 -3.09 -41.41
C VAL D 183 -49.93 -3.55 -40.35
N TYR D 184 -49.52 -3.53 -39.08
CA TYR D 184 -50.38 -3.86 -37.92
C TYR D 184 -50.56 -2.60 -37.07
N VAL D 185 -51.80 -2.25 -36.72
CA VAL D 185 -52.16 -0.96 -36.04
C VAL D 185 -53.08 -1.23 -34.84
N GLU D 186 -52.84 -0.48 -33.76
CA GLU D 186 -53.83 -0.17 -32.70
C GLU D 186 -54.47 1.18 -33.05
N LEU D 187 -55.80 1.29 -32.94
CA LEU D 187 -56.57 2.53 -33.18
C LEU D 187 -56.73 3.31 -31.87
N GLU D 188 -57.05 4.60 -31.97
CA GLU D 188 -57.36 5.45 -30.79
C GLU D 188 -58.86 5.34 -30.51
N ALA D 189 -59.26 5.26 -29.23
CA ALA D 189 -60.67 5.12 -28.78
C ALA D 189 -61.53 5.90 -29.78
N GLY D 190 -62.44 5.19 -30.47
CA GLY D 190 -63.33 5.73 -31.52
C GLY D 190 -62.58 6.37 -32.68
N ALA D 191 -61.99 5.55 -33.55
CA ALA D 191 -61.43 5.93 -34.87
C ALA D 191 -61.92 4.90 -35.89
N ASN D 192 -62.05 5.29 -37.15
CA ASN D 192 -62.65 4.48 -38.23
C ASN D 192 -61.54 3.68 -38.95
N PHE D 193 -61.52 2.36 -38.78
CA PHE D 193 -60.49 1.47 -39.37
C PHE D 193 -60.34 1.76 -40.87
N ASN D 194 -61.45 1.72 -41.61
CA ASN D 194 -61.48 1.83 -43.10
C ASN D 194 -60.75 3.10 -43.55
N GLN D 195 -60.86 4.19 -42.78
CA GLN D 195 -60.22 5.49 -43.11
C GLN D 195 -58.71 5.37 -42.86
N VAL D 196 -58.33 4.86 -41.70
CA VAL D 196 -56.91 4.62 -41.30
C VAL D 196 -56.22 3.72 -42.34
N GLU D 197 -56.86 2.60 -42.68
CA GLU D 197 -56.41 1.66 -43.74
C GLU D 197 -56.16 2.43 -45.05
N GLN D 198 -57.18 3.09 -45.59
CA GLN D 198 -57.10 3.87 -46.86
C GLN D 198 -56.00 4.92 -46.77
N ALA D 199 -55.88 5.59 -45.61
CA ALA D 199 -54.92 6.69 -45.34
C ALA D 199 -53.49 6.15 -45.44
N ILE D 200 -53.25 5.00 -44.81
CA ILE D 200 -51.93 4.31 -44.76
C ILE D 200 -51.54 3.88 -46.18
N LYS D 201 -52.47 3.30 -46.94
CA LYS D 201 -52.23 2.80 -48.32
C LYS D 201 -51.94 3.97 -49.27
N ALA D 202 -52.64 5.09 -49.09
CA ALA D 202 -52.51 6.33 -49.90
C ALA D 202 -51.22 7.10 -49.53
N ASP D 203 -50.72 6.98 -48.30
CA ASP D 203 -49.51 7.69 -47.80
C ASP D 203 -48.34 7.46 -48.76
N SER D 204 -47.41 8.41 -48.86
CA SER D 204 -46.30 8.40 -49.86
C SER D 204 -45.26 7.32 -49.52
N TYR D 205 -45.21 6.84 -48.27
CA TYR D 205 -44.27 5.79 -47.83
C TYR D 205 -44.78 4.41 -48.28
N PHE D 206 -46.03 4.29 -48.71
CA PHE D 206 -46.71 2.99 -49.00
C PHE D 206 -47.37 2.93 -50.38
N SER D 207 -47.59 4.06 -51.03
CA SER D 207 -48.48 4.18 -52.22
C SER D 207 -47.81 3.55 -53.44
N SER D 208 -46.53 3.17 -53.35
CA SER D 208 -45.78 2.49 -54.44
C SER D 208 -45.83 0.96 -54.30
N ASP D 209 -46.25 0.45 -53.14
CA ASP D 209 -46.03 -0.96 -52.72
C ASP D 209 -47.36 -1.65 -52.45
N GLU D 210 -47.45 -2.96 -52.75
CA GLU D 210 -48.53 -3.84 -52.27
C GLU D 210 -48.57 -3.72 -50.74
N THR D 211 -49.57 -3.04 -50.20
CA THR D 211 -49.70 -2.73 -48.74
C THR D 211 -50.99 -3.35 -48.20
N HIS D 212 -50.89 -4.05 -47.06
CA HIS D 212 -52.00 -4.74 -46.34
C HIS D 212 -52.03 -4.20 -44.90
N VAL D 213 -53.22 -3.94 -44.35
CA VAL D 213 -53.39 -3.36 -42.98
C VAL D 213 -54.33 -4.24 -42.17
N LYS D 214 -53.86 -4.71 -41.01
CA LYS D 214 -54.67 -5.49 -40.04
C LYS D 214 -54.66 -4.74 -38.70
N GLN D 215 -55.81 -4.66 -38.05
CA GLN D 215 -55.94 -4.08 -36.69
C GLN D 215 -55.64 -5.17 -35.65
N VAL D 216 -54.99 -4.83 -34.54
CA VAL D 216 -54.57 -5.81 -33.48
C VAL D 216 -54.64 -5.15 -32.10
N ASP D 217 -54.56 -5.98 -31.03
CA ASP D 217 -54.61 -5.57 -29.60
C ASP D 217 -53.26 -4.95 -29.17
N SER D 218 -52.24 -5.78 -28.89
CA SER D 218 -50.85 -5.37 -28.53
C SER D 218 -50.00 -5.45 -29.82
N VAL D 219 -49.43 -4.34 -30.26
CA VAL D 219 -48.52 -4.28 -31.44
C VAL D 219 -47.12 -4.75 -31.00
N ASP D 220 -46.76 -4.52 -29.74
CA ASP D 220 -45.41 -4.83 -29.21
C ASP D 220 -45.15 -6.34 -29.28
N SER D 221 -46.18 -7.16 -29.06
CA SER D 221 -46.03 -8.64 -29.01
C SER D 221 -45.76 -9.21 -30.42
N LEU D 222 -45.92 -8.41 -31.49
CA LEU D 222 -45.59 -8.85 -32.87
C LEU D 222 -44.12 -8.58 -33.22
N LYS D 223 -43.40 -7.81 -32.40
CA LYS D 223 -42.05 -7.31 -32.73
C LYS D 223 -41.01 -8.43 -32.60
N ASP D 224 -40.14 -8.53 -33.61
CA ASP D 224 -38.97 -9.45 -33.62
C ASP D 224 -37.90 -8.78 -34.49
N VAL D 225 -36.67 -8.71 -33.98
CA VAL D 225 -35.55 -7.91 -34.58
C VAL D 225 -34.84 -8.80 -35.59
N GLY D 226 -35.37 -10.02 -35.80
CA GLY D 226 -34.94 -10.90 -36.90
C GLY D 226 -35.13 -10.18 -38.21
N HIS D 227 -34.23 -10.41 -39.15
CA HIS D 227 -34.33 -9.84 -40.51
C HIS D 227 -33.67 -10.83 -41.48
N GLY D 228 -33.50 -10.42 -42.74
CA GLY D 228 -32.87 -11.26 -43.76
C GLY D 228 -32.67 -10.55 -45.08
N VAL D 229 -31.78 -11.06 -45.89
CA VAL D 229 -31.60 -10.60 -47.29
C VAL D 229 -31.43 -11.86 -48.15
N HIS D 230 -31.93 -11.80 -49.38
CA HIS D 230 -31.61 -12.76 -50.47
C HIS D 230 -31.17 -11.90 -51.65
N MET D 231 -29.87 -11.86 -51.95
CA MET D 231 -29.29 -11.21 -53.16
C MET D 231 -29.08 -12.26 -54.25
N THR D 232 -29.29 -11.87 -55.50
CA THR D 232 -29.08 -12.71 -56.70
C THR D 232 -28.34 -11.90 -57.76
N HIS D 233 -27.48 -12.56 -58.53
CA HIS D 233 -26.84 -11.98 -59.74
C HIS D 233 -26.89 -13.03 -60.85
N LYS D 234 -27.46 -12.67 -62.00
CA LYS D 234 -27.47 -13.49 -63.23
C LYS D 234 -26.71 -12.68 -64.29
N GLY D 235 -25.69 -13.23 -64.94
CA GLY D 235 -24.82 -12.41 -65.78
C GLY D 235 -23.65 -13.15 -66.41
N VAL D 236 -22.69 -12.37 -66.89
CA VAL D 236 -21.70 -12.79 -67.91
C VAL D 236 -20.30 -12.67 -67.30
N SER D 237 -19.58 -13.79 -67.24
CA SER D 237 -18.13 -13.84 -66.98
C SER D 237 -17.41 -13.88 -68.33
N GLY D 238 -16.75 -12.78 -68.69
CA GLY D 238 -16.14 -12.55 -70.01
C GLY D 238 -17.21 -12.53 -71.09
N LYS D 239 -17.37 -13.65 -71.81
CA LYS D 239 -18.38 -13.77 -72.89
C LYS D 239 -19.34 -14.92 -72.59
N THR D 240 -19.23 -15.54 -71.41
CA THR D 240 -20.04 -16.71 -70.99
C THR D 240 -21.24 -16.27 -70.14
N HIS D 241 -22.46 -16.50 -70.64
CA HIS D 241 -23.74 -16.07 -70.02
C HIS D 241 -24.31 -17.12 -69.05
N ASN D 242 -25.34 -16.70 -68.31
CA ASN D 242 -26.16 -17.51 -67.38
C ASN D 242 -25.28 -18.00 -66.24
N GLN D 243 -24.36 -17.15 -65.77
CA GLN D 243 -23.62 -17.36 -64.50
C GLN D 243 -24.57 -16.94 -63.37
N LEU D 244 -24.85 -17.85 -62.44
CA LEU D 244 -25.86 -17.66 -61.36
C LEU D 244 -25.14 -17.58 -60.00
N PHE D 245 -25.36 -16.48 -59.28
CA PHE D 245 -24.83 -16.21 -57.92
C PHE D 245 -25.98 -15.83 -57.00
N GLU D 246 -25.84 -16.18 -55.73
CA GLU D 246 -26.91 -16.04 -54.72
C GLU D 246 -26.26 -15.95 -53.34
N TYR D 247 -26.78 -15.10 -52.45
CA TYR D 247 -26.33 -14.92 -51.05
C TYR D 247 -27.57 -14.67 -50.18
N SER D 248 -27.69 -15.40 -49.07
CA SER D 248 -28.83 -15.34 -48.12
C SER D 248 -28.29 -15.31 -46.71
N MET D 249 -29.02 -14.62 -45.84
CA MET D 249 -28.85 -14.71 -44.37
C MET D 249 -30.19 -14.51 -43.68
N ARG D 250 -30.38 -15.21 -42.57
CA ARG D 250 -31.45 -15.02 -41.58
C ARG D 250 -30.72 -14.67 -40.28
N ILE D 251 -30.87 -13.44 -39.79
CA ILE D 251 -29.94 -12.83 -38.81
C ILE D 251 -30.73 -11.96 -37.84
N ASN D 252 -30.11 -11.71 -36.68
CA ASN D 252 -30.55 -10.67 -35.73
C ASN D 252 -30.03 -9.33 -36.26
N ASN D 253 -30.92 -8.39 -36.56
CA ASN D 253 -30.59 -7.13 -37.28
C ASN D 253 -29.54 -6.34 -36.49
N PRO D 254 -29.87 -5.77 -35.31
CA PRO D 254 -28.89 -4.96 -34.58
C PRO D 254 -27.63 -5.72 -34.15
N ALA D 255 -27.74 -7.02 -33.84
CA ALA D 255 -26.59 -7.89 -33.51
C ALA D 255 -25.53 -7.80 -34.61
N LEU D 256 -25.97 -7.90 -35.87
CA LEU D 256 -25.09 -7.93 -37.06
C LEU D 256 -24.58 -6.52 -37.33
N THR D 257 -25.49 -5.54 -37.42
CA THR D 257 -25.11 -4.11 -37.66
C THR D 257 -23.95 -3.72 -36.74
N SER D 258 -24.10 -3.96 -35.44
CA SER D 258 -23.13 -3.60 -34.37
C SER D 258 -21.82 -4.40 -34.57
N GLN D 259 -21.90 -5.69 -34.86
CA GLN D 259 -20.70 -6.56 -34.95
C GLN D 259 -19.86 -6.12 -36.15
N PHE D 260 -20.49 -5.70 -37.24
CA PHE D 260 -19.76 -5.29 -38.47
C PHE D 260 -19.10 -3.92 -38.22
N MET D 261 -19.74 -3.08 -37.41
CA MET D 261 -19.17 -1.76 -37.00
C MET D 261 -17.89 -2.02 -36.20
N VAL D 262 -17.90 -3.00 -35.29
CA VAL D 262 -16.70 -3.38 -34.48
C VAL D 262 -15.60 -3.87 -35.42
N SER D 263 -15.94 -4.65 -36.45
CA SER D 263 -14.99 -5.15 -37.47
C SER D 263 -14.43 -3.95 -38.24
N ALA D 264 -15.29 -3.00 -38.62
CA ALA D 264 -14.89 -1.77 -39.35
C ALA D 264 -13.93 -0.95 -38.49
N ALA D 265 -14.19 -0.84 -37.19
CA ALA D 265 -13.36 -0.11 -36.22
C ALA D 265 -11.96 -0.75 -36.22
N ARG D 266 -11.88 -2.07 -36.09
CA ARG D 266 -10.59 -2.81 -36.15
C ARG D 266 -9.85 -2.41 -37.42
N ALA D 267 -10.54 -2.42 -38.56
CA ALA D 267 -10.00 -2.10 -39.90
C ALA D 267 -9.57 -0.62 -39.95
N SER D 268 -10.32 0.29 -39.34
CA SER D 268 -10.06 1.75 -39.36
C SER D 268 -8.62 2.04 -38.90
N MET D 269 -8.08 1.22 -38.00
CA MET D 269 -6.74 1.40 -37.39
C MET D 269 -5.62 1.13 -38.41
N LYS D 270 -5.92 0.57 -39.57
CA LYS D 270 -4.90 0.12 -40.56
C LYS D 270 -4.91 0.94 -41.84
N GLN D 271 -5.83 1.89 -42.02
CA GLN D 271 -5.98 2.65 -43.29
C GLN D 271 -5.23 3.99 -43.20
N ARG D 272 -4.82 4.54 -44.35
CA ARG D 272 -4.30 5.93 -44.46
C ARG D 272 -5.44 6.87 -44.09
N ALA D 273 -5.13 8.06 -43.60
CA ALA D 273 -6.14 9.05 -43.16
C ALA D 273 -7.15 9.32 -44.29
N GLY D 274 -8.42 9.43 -43.93
CA GLY D 274 -9.53 9.73 -44.86
C GLY D 274 -10.80 9.01 -44.49
N ALA D 275 -11.84 9.16 -45.30
CA ALA D 275 -13.17 8.53 -45.13
C ALA D 275 -13.29 7.41 -46.17
N TYR D 276 -13.93 6.31 -45.79
CA TYR D 276 -14.08 5.09 -46.63
C TYR D 276 -15.47 4.51 -46.50
N THR D 277 -16.04 4.05 -47.62
CA THR D 277 -17.09 3.01 -47.65
C THR D 277 -16.37 1.66 -47.46
N VAL D 278 -17.10 0.62 -47.10
CA VAL D 278 -16.50 -0.71 -46.73
C VAL D 278 -16.02 -1.46 -47.98
N ILE D 279 -16.38 -0.99 -49.18
CA ILE D 279 -15.90 -1.61 -50.45
C ILE D 279 -14.52 -1.05 -50.80
N GLU D 280 -14.01 -0.13 -49.99
CA GLU D 280 -12.69 0.53 -50.20
C GLU D 280 -11.67 0.01 -49.17
N ILE D 281 -12.06 -0.94 -48.33
CA ILE D 281 -11.20 -1.56 -47.29
C ILE D 281 -10.90 -2.98 -47.72
N PRO D 282 -9.63 -3.44 -47.63
CA PRO D 282 -9.30 -4.86 -47.72
C PRO D 282 -10.09 -5.72 -46.73
N PRO D 283 -10.87 -6.73 -47.19
CA PRO D 283 -11.68 -7.55 -46.31
C PRO D 283 -10.96 -8.09 -45.06
N VAL D 284 -9.68 -8.46 -45.19
CA VAL D 284 -8.93 -9.14 -44.09
C VAL D 284 -8.67 -8.13 -42.98
N ASP D 285 -8.67 -6.82 -43.29
CA ASP D 285 -8.42 -5.74 -42.32
C ASP D 285 -9.52 -5.74 -41.25
N PHE D 286 -10.72 -6.24 -41.59
CA PHE D 286 -11.89 -6.36 -40.67
C PHE D 286 -11.64 -7.41 -39.57
N LEU D 287 -10.70 -8.35 -39.77
CA LEU D 287 -10.51 -9.51 -38.86
C LEU D 287 -9.36 -9.26 -37.89
N ALA D 288 -9.44 -9.92 -36.73
CA ALA D 288 -8.36 -10.02 -35.71
C ALA D 288 -7.49 -11.23 -36.04
N GLY D 289 -6.22 -11.21 -35.63
CA GLY D 289 -5.30 -12.37 -35.71
C GLY D 289 -4.10 -12.10 -36.60
N ASP D 290 -3.20 -13.07 -36.69
CA ASP D 290 -1.94 -13.01 -37.48
C ASP D 290 -2.31 -13.12 -38.97
N LEU D 291 -1.88 -12.13 -39.79
CA LEU D 291 -2.18 -12.09 -41.23
C LEU D 291 -1.92 -13.46 -41.87
N ASN D 292 -0.80 -14.11 -41.53
CA ASN D 292 -0.40 -15.38 -42.22
C ASN D 292 -1.33 -16.53 -41.81
N THR D 293 -1.79 -16.59 -40.55
CA THR D 293 -2.73 -17.64 -40.08
C THR D 293 -4.08 -17.45 -40.77
N LEU D 294 -4.48 -16.18 -40.94
CA LEU D 294 -5.78 -15.79 -41.54
C LEU D 294 -5.78 -16.18 -43.02
N ILE D 295 -4.68 -15.89 -43.73
CA ILE D 295 -4.52 -16.26 -45.17
C ILE D 295 -4.60 -17.78 -45.29
N ALA D 296 -3.84 -18.51 -44.47
CA ALA D 296 -3.77 -19.99 -44.45
C ALA D 296 -5.17 -20.55 -44.25
N LYS D 297 -5.99 -19.90 -43.43
CA LYS D 297 -7.32 -20.39 -42.98
C LYS D 297 -8.39 -20.08 -44.03
N LEU D 298 -8.28 -18.95 -44.73
CA LEU D 298 -9.40 -18.36 -45.49
C LEU D 298 -9.18 -18.50 -47.00
N VAL D 299 -7.96 -18.24 -47.49
CA VAL D 299 -7.76 -18.03 -48.95
C VAL D 299 -7.76 -19.41 -49.64
C API E . 10.50 -6.84 -4.76
CA API E . 11.06 -7.91 -3.88
C3 API E . 12.56 -8.15 -4.09
C4 API E . 13.04 -8.45 -5.51
C5 API E . 14.57 -8.33 -5.48
C6 API E . 15.23 -8.65 -6.80
C7 API E . 15.81 -9.99 -6.77
O API E . 11.24 -5.87 -5.00
OXT API E . 9.34 -6.95 -5.23
O3 API E . 16.73 -10.24 -5.98
O4 API E . 15.28 -10.75 -7.58
N API E . 10.30 -9.13 -4.11
N6 API E . 16.40 -7.85 -6.98
C API F . 12.43 -2.06 -2.04
CA API F . 12.18 -3.44 -2.64
C3 API F . 13.43 -4.27 -2.86
C4 API F . 13.90 -4.87 -1.54
C5 API F . 14.46 -6.28 -1.64
C6 API F . 15.80 -6.38 -2.38
C7 API F . 16.39 -7.77 -2.18
O API F . 13.59 -1.63 -1.89
OXT API F . 11.46 -1.34 -1.70
O3 API F . 17.35 -8.18 -2.85
O4 API F . 15.89 -8.52 -1.32
N API F . 11.56 -3.28 -3.94
N6 API F . 16.69 -5.32 -1.92
S SO4 G . 21.93 -3.22 -8.42
O1 SO4 G . 21.83 -4.40 -9.23
O2 SO4 G . 22.01 -3.60 -7.04
O3 SO4 G . 23.12 -2.45 -8.79
O4 SO4 G . 20.77 -2.42 -8.63
S SO4 H . -1.86 -1.89 -15.63
O1 SO4 H . -1.44 -3.25 -15.82
O2 SO4 H . -1.43 -1.45 -14.31
O3 SO4 H . -1.27 -1.09 -16.67
O4 SO4 H . -3.30 -1.82 -15.71
S SO4 I . 19.77 -29.33 -2.19
O1 SO4 I . 19.13 -30.25 -1.29
O2 SO4 I . 21.12 -29.74 -2.44
O3 SO4 I . 19.05 -29.23 -3.45
O4 SO4 I . 19.77 -28.03 -1.56
S SO4 J . 4.70 -29.39 -0.50
O1 SO4 J . 3.98 -30.15 0.50
O2 SO4 J . 5.24 -30.27 -1.50
O3 SO4 J . 3.80 -28.46 -1.13
O4 SO4 J . 5.77 -28.66 0.14
C API K . 26.64 12.35 29.03
CA API K . 26.26 11.13 29.82
C3 API K . 24.75 11.06 30.00
C4 API K . 24.11 12.26 30.69
C5 API K . 22.73 11.83 31.18
C6 API K . 22.45 12.38 32.56
C7 API K . 21.06 12.07 33.00
O API K . 27.76 12.86 29.20
OXT API K . 25.82 12.80 28.20
O3 API K . 20.80 12.33 34.18
O4 API K . 20.24 11.60 32.19
N API K . 26.95 11.08 31.10
N6 API K . 22.58 13.82 32.48
C API L . 24.20 12.96 23.79
CA API L . 24.78 12.21 24.97
C3 API L . 23.85 11.99 26.16
C4 API L . 22.47 11.46 25.84
C5 API L . 22.18 10.13 26.55
C6 API L . 21.40 10.28 27.86
C7 API L . 21.73 9.09 28.74
O API L . 24.78 12.91 22.69
OXT API L . 23.17 13.64 23.88
O3 API L . 22.83 9.04 29.33
O4 API L . 20.88 8.17 28.84
N API L . 25.87 13.03 25.48
N6 API L . 19.99 10.35 27.51
S SO4 M . 14.73 16.80 28.77
O1 SO4 M . 15.42 17.44 27.68
O2 SO4 M . 15.56 15.73 29.26
O3 SO4 M . 13.48 16.26 28.31
O4 SO4 M . 14.47 17.77 29.80
S SO4 N . 10.95 -1.36 23.78
O1 SO4 N . 11.94 -1.91 24.68
O2 SO4 N . 10.58 -2.34 22.80
O3 SO4 N . 11.49 -0.20 23.13
O4 SO4 N . 9.78 -0.98 24.53
S SO4 O . 19.03 -2.62 47.06
O1 SO4 O . 18.73 -3.34 48.28
O2 SO4 O . 19.37 -3.59 46.03
O3 SO4 O . 20.13 -1.73 47.28
O4 SO4 O . 17.88 -1.85 46.65
C API P . -8.77 -8.05 22.96
CA API P . -8.35 -8.49 24.33
C3 API P . -8.96 -7.50 25.33
C4 API P . -8.49 -7.74 26.75
C5 API P . -7.09 -7.15 26.96
C6 API P . -6.46 -7.84 28.15
C7 API P . -7.33 -7.48 29.29
O API P . -7.95 -7.51 22.18
OXT API P . -9.97 -8.25 22.66
O3 API P . -7.19 -8.13 30.33
O4 API P . -8.16 -6.55 29.16
N API P . -6.91 -8.55 24.44
N6 API P . -5.10 -7.39 28.45
C API Q . -7.72 -13.90 22.02
CA API Q . -7.46 -12.49 22.52
C3 API Q . -6.85 -12.45 23.93
C4 API Q . -5.33 -12.66 23.94
C5 API Q . -4.53 -11.52 24.61
C6 API Q . -4.80 -11.27 26.09
C7 API Q . -3.84 -10.22 26.61
O API Q . -6.89 -14.32 21.17
OXT API Q . -8.71 -14.62 22.38
O3 API Q . -3.47 -10.23 27.80
O4 API Q . -3.45 -9.35 25.80
N API Q . -8.69 -11.74 22.61
N6 API Q . -4.63 -12.49 26.83
S SO4 R . 5.58 7.20 35.89
O1 SO4 R . 6.78 7.76 35.30
O2 SO4 R . 5.84 5.84 36.27
O3 SO4 R . 4.49 7.25 34.94
O4 SO4 R . 5.22 7.94 37.07
S SO4 S . -9.39 -14.58 33.03
O1 SO4 S . -9.83 -15.48 34.08
O2 SO4 S . -7.96 -14.38 33.08
O3 SO4 S . -9.71 -15.16 31.75
O4 SO4 S . -10.05 -13.31 33.15
S SO4 T . -22.68 -5.75 15.07
O1 SO4 T . -23.60 -6.84 15.01
O2 SO4 T . -21.52 -6.14 15.82
O3 SO4 T . -22.28 -5.37 13.74
O4 SO4 T . -23.33 -4.62 15.70
C API U . -33.43 -0.92 -39.65
CA API U . -34.72 -0.70 -40.38
C3 API U . -34.63 0.62 -41.14
C4 API U . -35.80 0.81 -42.09
C5 API U . -35.31 0.96 -43.53
C6 API U . -36.04 2.11 -44.21
C7 API U . -37.47 1.79 -44.07
O API U . -32.51 -1.59 -40.20
OXT API U . -33.37 -0.44 -38.51
O3 API U . -37.82 0.73 -44.59
O4 API U . -38.20 2.57 -43.45
N API U . -35.70 -0.62 -39.35
N6 API U . -35.70 2.23 -45.61
C API V . -28.50 -1.87 -41.93
CA API V . -29.90 -1.60 -41.42
C3 API V . -30.90 -1.39 -42.54
C4 API V . -31.42 -2.74 -42.98
C5 API V . -32.84 -2.70 -43.52
C6 API V . -33.12 -1.89 -44.79
C7 API V . -34.37 -2.51 -45.40
O API V . -27.51 -1.96 -41.19
OXT API V . -28.32 -2.00 -43.14
O3 API V . -35.18 -3.12 -44.66
O4 API V . -34.57 -2.41 -46.63
N API V . -30.00 -0.36 -40.68
N6 API V . -32.00 -1.88 -45.72
S SO4 W . -32.00 5.53 -49.74
O1 SO4 W . -31.41 4.78 -48.64
O2 SO4 W . -32.34 4.63 -50.81
O3 SO4 W . -31.05 6.51 -50.22
O4 SO4 W . -33.19 6.19 -49.29
S SO4 X . -29.15 9.15 -25.72
O1 SO4 X . -29.01 8.38 -24.51
O2 SO4 X . -28.81 8.30 -26.88
O3 SO4 X . -28.28 10.29 -25.65
O4 SO4 X . -30.50 9.62 -25.83
S SO4 Y . -56.01 -6.52 -47.08
O1 SO4 Y . -55.59 -6.38 -48.45
O2 SO4 Y . -55.38 -7.66 -46.49
O3 SO4 Y . -57.44 -6.71 -47.05
O4 SO4 Y . -55.67 -5.30 -46.35
S SO4 Z . -51.10 -11.70 -36.04
O1 SO4 Z . -50.47 -12.99 -35.77
O2 SO4 Z . -50.22 -10.92 -36.85
O3 SO4 Z . -52.35 -11.88 -36.74
O4 SO4 Z . -51.35 -11.00 -34.80
S SO4 AA . -8.47 -23.48 -37.72
O1 SO4 AA . -8.41 -24.03 -39.06
O2 SO4 AA . -7.60 -24.21 -36.84
O3 SO4 AA . -9.82 -23.55 -37.22
O4 SO4 AA . -8.04 -22.10 -37.78
#